data_7Z5S
#
_entry.id   7Z5S
#
_cell.length_a   105.068
_cell.length_b   105.068
_cell.length_c   132.580
_cell.angle_alpha   90.000
_cell.angle_beta   90.000
_cell.angle_gamma   90.000
#
_symmetry.space_group_name_H-M   'P 41'
#
loop_
_entity.id
_entity.type
_entity.pdbx_description
1 polymer 'Botulinum neurotoxin'
2 branched 'N-acetyl-alpha-neuraminic acid-(2-3)-beta-D-galactopyranose-(1-3)-2-acetamido-2-deoxy-beta-D-galactopyranose-(1-4)-[N-acetyl-alpha-neuraminic acid-(2-3)]beta-D-galactopyranose'
3 non-polymer 'HEXAETHYLENE GLYCOL'
4 non-polymer 1,2-ETHANEDIOL
5 water water
#
_entity_poly.entity_id   1
_entity_poly.type   'polypeptide(L)'
_entity_poly.pdbx_seq_one_letter_code
;MHHHHHHKNIVNTSILSIVYKKDDLIDLSRYGAKINIGDRVYYDSIDKNQIKLINLESSTIEVILKNAIVYNSMYENFST
SFWIKIPKYFSKINLNNEYTIINCIENNSGWKVSLNYGEIIWTLQDNKQNIQRVVFKYSQMVNISDYINRWIFVTITNNR
LTKSKIYINGRLIDQKPISNLGNIHASNKIMFKLDGCRDPRRYIMIKYFNLFDKELNEKEIKDLYDSQSNSGILKDFWGN
YLQYDKPYYMLNLFDPNKYVDVNNIGIRGYMYLKGPRGSVVTTNIYLNSTLYEGTKFIIKKYASGNEDNIVRNNDRVYIN
VVVKNKEYRLATNASQAGVEKILSALEIPDVGNLSQVVVMKSKDDQGIRNKCKMNLQDNNGNDIGFIGFHLYDNIAKLVA
SNWYNRQVGKASRTFGCSWEFIPVDDGWGESSL
;
_entity_poly.pdbx_strand_id   AAA,BBB
#
loop_
_chem_comp.id
_chem_comp.type
_chem_comp.name
_chem_comp.formula
EDO non-polymer 1,2-ETHANEDIOL 'C2 H6 O2'
GAL D-saccharide, beta linking beta-D-galactopyranose 'C6 H12 O6'
NGA D-saccharide, beta linking 2-acetamido-2-deoxy-beta-D-galactopyranose 'C8 H15 N O6'
P6G non-polymer 'HEXAETHYLENE GLYCOL' 'C12 H26 O7'
SIA D-saccharide, alpha linking 'N-acetyl-alpha-neuraminic acid' 'C11 H19 N O9'
#
# COMPACT_ATOMS: atom_id res chain seq x y z
N LYS A 8 -30.98 -6.40 -24.14
CA LYS A 8 -31.02 -6.84 -22.71
C LYS A 8 -29.61 -6.86 -22.06
N ASN A 9 -28.51 -6.89 -22.83
CA ASN A 9 -27.16 -6.75 -22.20
C ASN A 9 -27.01 -5.31 -21.68
N ILE A 10 -26.44 -5.12 -20.49
CA ILE A 10 -26.33 -3.80 -19.84
C ILE A 10 -25.65 -2.81 -20.80
N VAL A 11 -24.85 -3.27 -21.77
CA VAL A 11 -24.09 -2.36 -22.68
C VAL A 11 -25.06 -1.47 -23.46
N ASN A 12 -26.26 -1.95 -23.76
CA ASN A 12 -27.30 -1.16 -24.48
C ASN A 12 -27.72 0.08 -23.68
N THR A 13 -27.43 0.15 -22.38
CA THR A 13 -27.87 1.26 -21.53
C THR A 13 -26.82 2.37 -21.51
N SER A 14 -25.70 2.18 -22.22
CA SER A 14 -24.61 3.18 -22.31
C SER A 14 -25.18 4.54 -22.75
N ILE A 15 -24.73 5.67 -22.16
CA ILE A 15 -25.12 7.06 -22.58
C ILE A 15 -24.03 7.61 -23.51
N LEU A 16 -22.99 6.81 -23.75
CA LEU A 16 -21.89 7.08 -24.71
C LEU A 16 -21.17 5.76 -24.97
N SER A 17 -21.13 5.31 -26.22
CA SER A 17 -20.55 4.02 -26.65
C SER A 17 -19.72 4.23 -27.93
N ILE A 18 -18.42 4.50 -27.75
CA ILE A 18 -17.48 4.87 -28.84
C ILE A 18 -17.09 3.59 -29.54
N VAL A 19 -17.38 3.50 -30.85
CA VAL A 19 -17.03 2.35 -31.72
C VAL A 19 -16.54 2.90 -33.06
N TYR A 20 -15.83 2.08 -33.81
CA TYR A 20 -15.37 2.41 -35.18
C TYR A 20 -16.49 2.04 -36.16
N LYS A 21 -16.87 2.95 -37.07
CA LYS A 21 -17.79 2.70 -38.21
C LYS A 21 -17.26 3.42 -39.44
N LYS A 22 -17.39 2.75 -40.60
CA LYS A 22 -16.92 3.24 -41.93
C LYS A 22 -15.45 3.63 -41.81
N ASP A 23 -15.13 4.91 -41.61
CA ASP A 23 -13.71 5.32 -41.38
C ASP A 23 -13.63 6.32 -40.23
N ASP A 24 -14.49 6.17 -39.24
CA ASP A 24 -14.56 7.18 -38.15
C ASP A 24 -14.87 6.46 -36.83
N LEU A 25 -14.63 7.14 -35.71
CA LEU A 25 -15.22 6.78 -34.42
C LEU A 25 -16.54 7.52 -34.28
N ILE A 26 -17.59 6.81 -33.89
CA ILE A 26 -18.95 7.39 -33.70
C ILE A 26 -19.49 6.93 -32.35
N ASP A 27 -20.44 7.66 -31.80
CA ASP A 27 -21.24 7.26 -30.63
C ASP A 27 -22.33 6.32 -31.15
N LEU A 28 -22.37 5.07 -30.69
CA LEU A 28 -23.47 4.12 -30.98
C LEU A 28 -24.64 4.37 -30.05
N SER A 29 -24.48 5.06 -28.93
CA SER A 29 -25.65 5.34 -28.05
C SER A 29 -26.72 6.10 -28.85
N ARG A 30 -27.98 6.09 -28.40
CA ARG A 30 -29.02 6.88 -29.12
C ARG A 30 -28.83 8.37 -28.82
N TYR A 31 -27.87 8.75 -27.95
CA TYR A 31 -27.67 10.17 -27.56
C TYR A 31 -26.69 10.90 -28.48
N GLY A 32 -26.03 10.20 -29.40
CA GLY A 32 -25.35 10.81 -30.57
C GLY A 32 -24.38 11.92 -30.22
N ALA A 33 -23.45 11.69 -29.28
CA ALA A 33 -22.35 12.62 -28.95
C ALA A 33 -21.55 12.88 -30.21
N LYS A 34 -20.93 14.05 -30.24
CA LYS A 34 -19.96 14.44 -31.29
C LYS A 34 -18.56 13.95 -30.91
N ILE A 35 -17.77 13.56 -31.90
CA ILE A 35 -16.42 13.02 -31.68
C ILE A 35 -15.45 13.71 -32.64
N ASN A 36 -14.52 14.48 -32.10
CA ASN A 36 -13.47 15.17 -32.88
C ASN A 36 -12.14 14.44 -32.72
N ILE A 37 -11.63 13.91 -33.83
CA ILE A 37 -10.38 13.10 -33.87
C ILE A 37 -9.22 13.91 -34.44
N GLY A 38 -8.13 14.03 -33.68
CA GLY A 38 -6.86 14.62 -34.13
C GLY A 38 -6.20 13.83 -35.24
N ASP A 39 -5.11 14.37 -35.79
CA ASP A 39 -4.44 13.90 -37.04
C ASP A 39 -3.54 12.70 -36.76
N ARG A 40 -3.11 12.50 -35.50
CA ARG A 40 -2.20 11.39 -35.09
C ARG A 40 -2.90 10.41 -34.15
N VAL A 41 -4.10 10.00 -34.55
CA VAL A 41 -4.86 8.88 -33.92
C VAL A 41 -4.90 7.76 -34.95
N TYR A 42 -4.53 6.55 -34.56
CA TYR A 42 -4.37 5.38 -35.46
C TYR A 42 -5.36 4.28 -35.08
N TYR A 43 -5.78 3.48 -36.06
CA TYR A 43 -6.61 2.28 -35.90
C TYR A 43 -5.79 1.07 -36.36
N ASP A 44 -5.96 -0.03 -35.65
CA ASP A 44 -5.35 -1.33 -35.99
C ASP A 44 -5.95 -1.81 -37.31
N SER A 45 -5.11 -2.18 -38.28
CA SER A 45 -5.57 -2.61 -39.62
C SER A 45 -6.50 -3.82 -39.47
N ILE A 46 -6.26 -4.71 -38.49
CA ILE A 46 -7.04 -5.97 -38.35
C ILE A 46 -8.33 -5.68 -37.58
N ASP A 47 -8.24 -4.94 -36.47
CA ASP A 47 -9.36 -4.64 -35.55
C ASP A 47 -9.45 -3.13 -35.39
N LYS A 48 -10.35 -2.48 -36.13
CA LYS A 48 -10.36 -0.99 -36.27
C LYS A 48 -10.83 -0.31 -34.98
N ASN A 49 -11.46 -1.07 -34.09
CA ASN A 49 -11.88 -0.58 -32.75
C ASN A 49 -10.67 -0.42 -31.82
N GLN A 50 -9.52 -1.02 -32.16
CA GLN A 50 -8.27 -0.79 -31.41
C GLN A 50 -7.71 0.56 -31.85
N ILE A 51 -7.85 1.56 -31.00
CA ILE A 51 -7.34 2.95 -31.19
C ILE A 51 -5.99 3.08 -30.52
N LYS A 52 -4.99 3.58 -31.23
CA LYS A 52 -3.67 3.93 -30.65
C LYS A 52 -3.60 5.46 -30.48
N LEU A 53 -3.39 5.90 -29.25
CA LEU A 53 -3.01 7.28 -28.89
C LEU A 53 -1.52 7.30 -28.52
N ILE A 54 -0.73 8.15 -29.20
CA ILE A 54 0.73 8.34 -28.97
C ILE A 54 0.95 9.67 -28.23
N ASN A 55 2.21 9.99 -27.92
CA ASN A 55 2.58 11.14 -27.04
C ASN A 55 2.90 12.36 -27.91
N LEU A 56 1.88 12.87 -28.59
CA LEU A 56 1.88 14.07 -29.45
C LEU A 56 0.57 14.83 -29.21
N GLU A 57 0.61 16.17 -29.31
CA GLU A 57 -0.53 17.08 -28.97
C GLU A 57 -1.69 16.81 -29.92
N SER A 58 -1.41 16.31 -31.13
CA SER A 58 -2.44 15.99 -32.17
C SER A 58 -2.95 14.54 -32.04
N SER A 59 -2.52 13.77 -31.02
CA SER A 59 -3.06 12.39 -30.78
C SER A 59 -4.18 12.49 -29.76
N THR A 60 -5.39 12.86 -30.20
CA THR A 60 -6.50 13.26 -29.30
C THR A 60 -7.83 12.80 -29.87
N ILE A 61 -8.74 12.43 -28.99
CA ILE A 61 -10.17 12.16 -29.28
C ILE A 61 -10.96 13.03 -28.31
N GLU A 62 -11.78 13.93 -28.85
CA GLU A 62 -12.57 14.84 -28.02
C GLU A 62 -14.03 14.45 -28.23
N VAL A 63 -14.71 14.14 -27.13
CA VAL A 63 -16.15 13.78 -27.14
C VAL A 63 -16.90 14.97 -26.58
N ILE A 64 -17.80 15.55 -27.37
CA ILE A 64 -18.74 16.58 -26.82
C ILE A 64 -20.10 15.89 -26.70
N LEU A 65 -20.51 15.63 -25.47
CA LEU A 65 -21.87 15.19 -25.13
C LEU A 65 -22.87 16.31 -25.48
N LYS A 66 -24.06 15.96 -25.96
CA LYS A 66 -25.22 16.89 -26.10
C LYS A 66 -25.52 17.48 -24.74
N ASN A 67 -25.72 18.80 -24.68
CA ASN A 67 -26.08 19.48 -23.40
C ASN A 67 -27.39 18.89 -22.92
N ALA A 68 -28.26 18.47 -23.83
CA ALA A 68 -29.56 17.88 -23.47
C ALA A 68 -29.38 16.74 -22.45
N ILE A 69 -28.33 15.90 -22.54
CA ILE A 69 -28.17 14.71 -21.63
C ILE A 69 -27.28 15.07 -20.42
N VAL A 70 -26.58 16.19 -20.50
CA VAL A 70 -25.66 16.61 -19.40
C VAL A 70 -26.45 17.37 -18.35
N TYR A 71 -26.54 16.86 -17.14
CA TYR A 71 -27.30 17.48 -16.03
C TYR A 71 -26.42 17.43 -14.77
N ASN A 72 -26.76 18.27 -13.79
CA ASN A 72 -25.84 18.60 -12.66
C ASN A 72 -25.51 17.35 -11.85
N SER A 73 -26.51 16.51 -11.59
CA SER A 73 -26.43 15.34 -10.70
C SER A 73 -26.10 14.05 -11.47
N MET A 74 -25.60 14.11 -12.70
CA MET A 74 -25.39 12.86 -13.50
C MET A 74 -24.23 12.05 -12.91
N TYR A 75 -23.28 12.72 -12.25
CA TYR A 75 -22.06 12.11 -11.65
C TYR A 75 -22.32 11.72 -10.21
N GLU A 76 -23.59 11.61 -9.80
CA GLU A 76 -23.96 11.05 -8.48
C GLU A 76 -23.90 9.52 -8.50
N ASN A 77 -24.43 8.93 -9.56
CA ASN A 77 -24.29 7.49 -9.91
C ASN A 77 -23.82 7.44 -11.36
N PHE A 78 -22.64 6.85 -11.57
CA PHE A 78 -22.08 6.67 -12.93
C PHE A 78 -20.95 5.63 -12.90
N SER A 79 -20.79 4.98 -14.03
CA SER A 79 -19.70 4.04 -14.33
C SER A 79 -19.09 4.36 -15.69
N THR A 80 -17.82 4.04 -15.83
CA THR A 80 -17.06 4.01 -17.09
C THR A 80 -16.45 2.62 -17.26
N SER A 81 -16.44 2.14 -18.49
CA SER A 81 -15.83 0.86 -18.90
C SER A 81 -15.05 1.09 -20.20
N PHE A 82 -13.93 0.40 -20.34
CA PHE A 82 -13.11 0.43 -21.56
C PHE A 82 -12.08 -0.68 -21.44
N TRP A 83 -11.50 -1.04 -22.57
CA TRP A 83 -10.37 -1.98 -22.65
C TRP A 83 -9.12 -1.16 -22.93
N ILE A 84 -7.98 -1.56 -22.37
CA ILE A 84 -6.70 -0.80 -22.54
C ILE A 84 -5.56 -1.79 -22.67
N LYS A 85 -4.60 -1.46 -23.54
CA LYS A 85 -3.35 -2.22 -23.71
C LYS A 85 -2.24 -1.20 -23.46
N ILE A 86 -1.45 -1.42 -22.40
CA ILE A 86 -0.38 -0.52 -21.91
C ILE A 86 0.94 -1.25 -22.11
N PRO A 87 1.79 -0.80 -23.05
CA PRO A 87 3.09 -1.39 -23.25
C PRO A 87 3.93 -1.43 -21.97
N LYS A 88 4.80 -2.44 -21.89
CA LYS A 88 5.80 -2.55 -20.82
C LYS A 88 6.48 -1.18 -20.65
N TYR A 89 6.60 -0.73 -19.41
CA TYR A 89 7.45 0.44 -19.04
C TYR A 89 8.92 -0.03 -19.02
N PHE A 90 9.76 0.55 -19.87
CA PHE A 90 11.19 0.19 -20.06
C PHE A 90 12.19 1.10 -19.32
N SER A 91 11.88 2.35 -18.98
CA SER A 91 12.89 3.36 -18.56
C SER A 91 12.58 3.98 -17.20
N LYS A 92 13.60 4.50 -16.52
CA LYS A 92 13.39 5.11 -15.19
C LYS A 92 12.60 6.41 -15.39
N ILE A 93 12.63 6.99 -16.58
CA ILE A 93 11.77 8.17 -16.94
C ILE A 93 10.31 7.83 -16.58
N ASN A 94 9.87 6.59 -16.83
CA ASN A 94 8.50 6.09 -16.56
C ASN A 94 8.19 6.06 -15.06
N LEU A 95 9.17 5.94 -14.16
CA LEU A 95 8.88 5.90 -12.70
C LEU A 95 8.45 7.31 -12.26
N ASN A 96 7.49 7.42 -11.33
CA ASN A 96 6.98 8.72 -10.82
C ASN A 96 6.67 9.67 -11.98
N ASN A 97 5.84 9.25 -12.92
CA ASN A 97 5.33 10.11 -14.01
C ASN A 97 3.87 9.74 -14.28
N GLU A 98 2.98 10.11 -13.36
CA GLU A 98 1.51 9.99 -13.52
C GLU A 98 1.07 10.87 -14.67
N TYR A 99 0.39 10.31 -15.68
CA TYR A 99 -0.03 11.03 -16.91
C TYR A 99 -1.54 10.75 -17.11
N THR A 100 -2.32 11.81 -17.35
CA THR A 100 -3.76 11.67 -17.66
C THR A 100 -3.90 11.06 -19.04
N ILE A 101 -4.90 10.19 -19.20
CA ILE A 101 -5.26 9.60 -20.53
C ILE A 101 -6.70 9.95 -20.88
N ILE A 102 -7.61 9.98 -19.91
CA ILE A 102 -9.04 10.31 -20.18
C ILE A 102 -9.48 11.42 -19.21
N ASN A 103 -9.81 12.59 -19.73
CA ASN A 103 -10.03 13.82 -18.93
C ASN A 103 -11.47 14.32 -19.08
N CYS A 104 -12.24 14.32 -18.00
CA CYS A 104 -13.57 14.98 -17.89
C CYS A 104 -13.55 15.92 -16.68
N ILE A 105 -12.55 16.81 -16.65
CA ILE A 105 -12.31 17.77 -15.53
C ILE A 105 -12.56 19.16 -16.10
N GLU A 106 -13.36 19.97 -15.43
CA GLU A 106 -13.56 21.41 -15.78
C GLU A 106 -13.83 22.16 -14.47
N ASN A 107 -13.20 23.34 -14.30
CA ASN A 107 -13.26 24.10 -13.03
C ASN A 107 -12.80 23.20 -11.86
N ASN A 108 -11.78 22.37 -12.10
CA ASN A 108 -11.12 21.54 -11.06
C ASN A 108 -12.15 20.62 -10.42
N SER A 109 -13.14 20.19 -11.21
CA SER A 109 -14.17 19.22 -10.76
C SER A 109 -14.48 18.25 -11.92
N GLY A 110 -14.84 17.02 -11.56
CA GLY A 110 -15.13 15.93 -12.51
C GLY A 110 -14.36 14.64 -12.23
N TRP A 111 -13.91 13.99 -13.30
CA TRP A 111 -13.24 12.66 -13.23
C TRP A 111 -12.15 12.61 -14.27
N LYS A 112 -11.12 11.81 -13.98
CA LYS A 112 -10.11 11.50 -15.00
C LYS A 112 -9.55 10.09 -14.75
N VAL A 113 -8.97 9.54 -15.83
CA VAL A 113 -8.21 8.27 -15.78
C VAL A 113 -6.77 8.64 -16.07
N SER A 114 -5.87 8.23 -15.20
CA SER A 114 -4.44 8.48 -15.43
C SER A 114 -3.68 7.15 -15.32
N LEU A 115 -2.49 7.12 -15.90
CA LEU A 115 -1.59 5.96 -15.80
C LEU A 115 -0.30 6.43 -15.11
N ASN A 116 0.42 5.47 -14.55
CA ASN A 116 1.82 5.61 -14.09
C ASN A 116 2.48 4.24 -14.19
N TYR A 117 3.76 4.14 -13.86
CA TYR A 117 4.49 2.86 -13.76
C TYR A 117 3.62 1.89 -12.95
N GLY A 118 3.18 0.83 -13.61
CA GLY A 118 2.39 -0.25 -12.96
C GLY A 118 1.06 0.19 -12.40
N GLU A 119 0.49 1.29 -12.91
CA GLU A 119 -0.75 1.84 -12.31
C GLU A 119 -1.80 2.27 -13.36
N ILE A 120 -3.04 1.98 -13.06
CA ILE A 120 -4.23 2.64 -13.69
C ILE A 120 -4.96 3.38 -12.57
N ILE A 121 -5.11 4.69 -12.71
CA ILE A 121 -5.61 5.55 -11.60
C ILE A 121 -6.93 6.22 -12.02
N TRP A 122 -7.93 6.14 -11.14
CA TRP A 122 -9.17 6.93 -11.18
C TRP A 122 -9.14 8.07 -10.15
N THR A 123 -9.46 9.28 -10.57
CA THR A 123 -9.63 10.48 -9.70
C THR A 123 -11.04 11.11 -9.86
N LEU A 124 -11.85 11.13 -8.80
CA LEU A 124 -13.01 12.03 -8.62
C LEU A 124 -12.58 13.32 -7.91
N GLN A 125 -12.71 14.49 -8.53
CA GLN A 125 -12.60 15.82 -7.85
C GLN A 125 -13.99 16.46 -7.70
N ASP A 126 -14.41 16.84 -6.48
CA ASP A 126 -15.61 17.73 -6.30
C ASP A 126 -15.25 19.21 -6.58
N ASN A 127 -16.27 20.06 -6.47
CA ASN A 127 -16.24 21.53 -6.77
C ASN A 127 -15.59 22.30 -5.62
N LYS A 128 -15.40 21.67 -4.45
CA LYS A 128 -14.60 22.20 -3.30
C LYS A 128 -13.14 21.67 -3.39
N GLN A 129 -12.80 21.00 -4.50
CA GLN A 129 -11.44 20.47 -4.84
C GLN A 129 -11.00 19.34 -3.91
N ASN A 130 -11.89 18.74 -3.11
CA ASN A 130 -11.58 17.45 -2.45
C ASN A 130 -11.38 16.40 -3.54
N ILE A 131 -10.37 15.53 -3.40
CA ILE A 131 -10.04 14.46 -4.38
C ILE A 131 -10.22 13.11 -3.70
N GLN A 132 -10.58 12.07 -4.46
CA GLN A 132 -10.52 10.64 -4.07
C GLN A 132 -9.95 9.83 -5.25
N ARG A 133 -8.98 8.97 -4.96
CA ARG A 133 -8.24 8.16 -5.98
C ARG A 133 -8.52 6.70 -5.69
N VAL A 134 -8.85 5.91 -6.71
CA VAL A 134 -8.77 4.43 -6.62
C VAL A 134 -7.72 4.01 -7.63
N VAL A 135 -6.97 2.97 -7.28
CA VAL A 135 -5.70 2.66 -7.98
C VAL A 135 -5.65 1.15 -8.18
N PHE A 136 -5.39 0.74 -9.42
CA PHE A 136 -5.01 -0.65 -9.75
C PHE A 136 -3.50 -0.68 -9.89
N LYS A 137 -2.87 -1.57 -9.14
CA LYS A 137 -1.39 -1.78 -9.20
C LYS A 137 -1.12 -3.13 -9.86
N TYR A 138 -0.26 -3.16 -10.85
CA TYR A 138 0.26 -4.42 -11.44
C TYR A 138 1.78 -4.36 -11.46
N SER A 139 2.40 -5.46 -11.03
CA SER A 139 3.88 -5.56 -10.93
C SER A 139 4.47 -5.87 -12.30
N GLN A 140 5.56 -5.18 -12.67
CA GLN A 140 6.47 -5.56 -13.78
C GLN A 140 7.57 -6.55 -13.31
N MET A 141 7.51 -7.05 -12.06
CA MET A 141 8.48 -8.04 -11.48
C MET A 141 7.78 -9.39 -11.33
N VAL A 142 7.28 -9.95 -12.41
CA VAL A 142 6.48 -11.22 -12.36
C VAL A 142 6.95 -12.05 -13.53
N ASN A 143 6.84 -13.34 -13.41
CA ASN A 143 7.26 -14.26 -14.49
C ASN A 143 6.42 -13.96 -15.73
N ILE A 144 5.11 -14.11 -15.62
CA ILE A 144 4.12 -13.98 -16.72
C ILE A 144 3.00 -13.13 -16.17
N SER A 145 2.85 -11.93 -16.71
CA SER A 145 1.88 -10.91 -16.29
C SER A 145 0.60 -11.11 -17.09
N ASP A 146 -0.52 -11.05 -16.38
CA ASP A 146 -1.88 -10.94 -16.94
C ASP A 146 -2.08 -9.53 -17.50
N TYR A 147 -1.22 -8.55 -17.24
CA TYR A 147 -1.55 -7.12 -17.46
C TYR A 147 -0.56 -6.46 -18.43
N ILE A 148 0.73 -6.77 -18.35
CA ILE A 148 1.72 -5.99 -19.12
C ILE A 148 1.46 -6.23 -20.62
N ASN A 149 1.15 -5.16 -21.35
CA ASN A 149 1.04 -5.17 -22.83
C ASN A 149 -0.10 -6.08 -23.28
N ARG A 150 -1.06 -6.41 -22.41
CA ARG A 150 -2.21 -7.25 -22.77
C ARG A 150 -3.51 -6.44 -22.60
N TRP A 151 -4.49 -6.68 -23.46
CA TRP A 151 -5.85 -6.12 -23.31
C TRP A 151 -6.41 -6.47 -21.93
N ILE A 152 -6.73 -5.45 -21.16
CA ILE A 152 -7.35 -5.44 -19.81
C ILE A 152 -8.71 -4.76 -19.95
N PHE A 153 -9.72 -5.32 -19.31
CA PHE A 153 -11.02 -4.67 -19.22
C PHE A 153 -11.10 -3.92 -17.92
N VAL A 154 -11.26 -2.61 -17.99
CA VAL A 154 -11.41 -1.75 -16.79
C VAL A 154 -12.88 -1.39 -16.62
N THR A 155 -13.40 -1.44 -15.39
CA THR A 155 -14.73 -0.90 -15.04
C THR A 155 -14.61 -0.09 -13.76
N ILE A 156 -14.98 1.19 -13.82
CA ILE A 156 -15.02 2.09 -12.63
C ILE A 156 -16.47 2.49 -12.37
N THR A 157 -16.95 2.25 -11.16
CA THR A 157 -18.33 2.54 -10.73
C THR A 157 -18.24 3.57 -9.60
N ASN A 158 -19.26 4.40 -9.47
CA ASN A 158 -19.29 5.52 -8.50
C ASN A 158 -20.71 5.69 -7.96
N ASN A 159 -20.84 5.67 -6.64
CA ASN A 159 -22.10 5.97 -5.93
C ASN A 159 -21.77 6.96 -4.82
N ARG A 160 -22.27 8.20 -4.91
CA ARG A 160 -21.90 9.32 -4.00
C ARG A 160 -22.22 9.00 -2.54
N LEU A 161 -23.13 8.05 -2.27
CA LEU A 161 -23.53 7.66 -0.90
C LEU A 161 -22.60 6.57 -0.38
N THR A 162 -22.00 5.79 -1.28
CA THR A 162 -21.13 4.66 -0.87
C THR A 162 -19.70 4.93 -1.36
N LYS A 163 -19.28 4.25 -2.43
CA LYS A 163 -17.85 4.22 -2.80
C LYS A 163 -17.60 4.34 -4.31
N SER A 164 -16.40 4.76 -4.66
CA SER A 164 -15.83 4.60 -6.02
C SER A 164 -15.05 3.27 -6.03
N LYS A 165 -15.36 2.38 -6.98
CA LYS A 165 -14.73 1.04 -7.09
C LYS A 165 -14.06 0.87 -8.45
N ILE A 166 -12.86 0.25 -8.50
CA ILE A 166 -12.19 -0.06 -9.79
C ILE A 166 -12.11 -1.58 -9.94
N TYR A 167 -12.59 -2.08 -11.07
CA TYR A 167 -12.59 -3.51 -11.44
C TYR A 167 -11.66 -3.74 -12.63
N ILE A 168 -10.96 -4.87 -12.61
CA ILE A 168 -10.01 -5.27 -13.69
C ILE A 168 -10.44 -6.65 -14.13
N ASN A 169 -10.80 -6.78 -15.39
CA ASN A 169 -11.31 -8.07 -15.93
C ASN A 169 -12.39 -8.57 -14.97
N GLY A 170 -13.30 -7.69 -14.54
CA GLY A 170 -14.55 -8.09 -13.85
C GLY A 170 -14.37 -8.34 -12.37
N ARG A 171 -13.23 -7.95 -11.77
CA ARG A 171 -12.88 -8.34 -10.39
C ARG A 171 -12.49 -7.09 -9.58
N LEU A 172 -13.05 -6.93 -8.36
CA LEU A 172 -12.80 -5.71 -7.59
C LEU A 172 -11.29 -5.63 -7.24
N ILE A 173 -10.71 -4.44 -7.21
CA ILE A 173 -9.26 -4.24 -7.00
C ILE A 173 -9.02 -3.15 -5.96
N ASP A 174 -9.74 -2.04 -6.05
CA ASP A 174 -9.68 -0.96 -5.05
C ASP A 174 -11.09 -0.38 -4.87
N GLN A 175 -11.35 0.13 -3.68
CA GLN A 175 -12.60 0.81 -3.30
C GLN A 175 -12.26 1.81 -2.21
N LYS A 176 -12.71 3.04 -2.42
CA LYS A 176 -12.55 4.17 -1.50
C LYS A 176 -13.95 4.74 -1.29
N PRO A 177 -14.31 5.12 -0.05
CA PRO A 177 -15.61 5.76 0.20
C PRO A 177 -15.54 7.17 -0.39
N ILE A 178 -16.67 7.66 -0.91
CA ILE A 178 -16.73 9.00 -1.54
C ILE A 178 -17.86 9.83 -0.92
N SER A 179 -18.61 9.23 0.04
CA SER A 179 -19.70 9.89 0.84
C SER A 179 -19.26 11.25 1.36
N ASN A 180 -17.97 11.44 1.61
CA ASN A 180 -17.39 12.70 2.12
C ASN A 180 -17.33 13.77 1.01
N LEU A 181 -17.32 13.38 -0.27
CA LEU A 181 -17.07 14.35 -1.38
C LEU A 181 -18.34 15.19 -1.60
N GLY A 182 -18.14 16.40 -2.13
CA GLY A 182 -19.26 17.28 -2.49
C GLY A 182 -19.87 16.90 -3.82
N ASN A 183 -20.12 17.89 -4.67
CA ASN A 183 -20.82 17.71 -5.96
C ASN A 183 -19.78 17.70 -7.06
N ILE A 184 -19.91 16.76 -7.98
CA ILE A 184 -18.93 16.55 -9.07
C ILE A 184 -19.51 17.23 -10.31
N HIS A 185 -18.89 18.34 -10.72
CA HIS A 185 -19.23 19.11 -11.95
C HIS A 185 -19.39 18.17 -13.15
N ALA A 186 -20.49 18.32 -13.89
CA ALA A 186 -20.77 17.54 -15.11
C ALA A 186 -20.36 18.36 -16.33
N SER A 187 -19.12 18.20 -16.77
CA SER A 187 -18.62 18.67 -18.08
C SER A 187 -19.40 17.91 -19.19
N ASN A 188 -19.42 18.46 -20.40
CA ASN A 188 -19.93 17.80 -21.63
C ASN A 188 -18.75 17.39 -22.53
N LYS A 189 -17.53 17.63 -22.08
CA LYS A 189 -16.27 17.34 -22.82
C LYS A 189 -15.53 16.20 -22.12
N ILE A 190 -15.11 15.20 -22.90
CA ILE A 190 -14.18 14.11 -22.51
C ILE A 190 -13.02 14.15 -23.49
N MET A 191 -11.80 14.33 -22.97
CA MET A 191 -10.55 14.38 -23.79
C MET A 191 -9.73 13.11 -23.55
N PHE A 192 -9.58 12.30 -24.58
CA PHE A 192 -8.68 11.13 -24.61
C PHE A 192 -7.37 11.61 -25.22
N LYS A 193 -6.30 11.67 -24.42
CA LYS A 193 -5.00 12.21 -24.88
C LYS A 193 -3.98 11.94 -23.78
N LEU A 194 -2.76 11.61 -24.18
CA LEU A 194 -1.65 11.48 -23.19
C LEU A 194 -1.28 12.89 -22.72
N ASP A 195 -1.41 13.13 -21.42
CA ASP A 195 -1.29 14.47 -20.83
C ASP A 195 -0.33 14.42 -19.65
N GLY A 196 0.87 14.97 -19.82
CA GLY A 196 1.87 15.09 -18.74
C GLY A 196 2.87 13.95 -18.81
N CYS A 197 2.94 13.22 -19.92
CA CYS A 197 3.81 12.02 -20.00
C CYS A 197 5.16 12.50 -20.53
N ARG A 198 6.21 12.36 -19.72
CA ARG A 198 7.56 12.86 -20.05
C ARG A 198 8.26 11.88 -21.00
N ASP A 199 7.68 10.73 -21.31
CA ASP A 199 8.35 9.72 -22.17
C ASP A 199 7.75 9.82 -23.55
N PRO A 200 8.51 10.36 -24.53
CA PRO A 200 7.98 10.57 -25.89
C PRO A 200 7.57 9.30 -26.63
N ARG A 201 8.07 8.13 -26.24
CA ARG A 201 7.75 6.86 -26.96
C ARG A 201 6.48 6.19 -26.38
N ARG A 202 5.87 6.74 -25.31
CA ARG A 202 4.69 6.10 -24.69
C ARG A 202 3.51 6.23 -25.63
N TYR A 203 2.74 5.15 -25.72
CA TYR A 203 1.40 5.14 -26.31
C TYR A 203 0.51 4.21 -25.50
N ILE A 204 -0.78 4.27 -25.76
CA ILE A 204 -1.75 3.30 -25.24
C ILE A 204 -2.58 2.84 -26.43
N MET A 205 -3.29 1.74 -26.25
CA MET A 205 -4.37 1.34 -27.16
C MET A 205 -5.59 1.16 -26.27
N ILE A 206 -6.74 1.55 -26.80
CA ILE A 206 -8.02 1.63 -26.05
C ILE A 206 -9.12 1.15 -26.98
N LYS A 207 -10.13 0.46 -26.47
CA LYS A 207 -11.31 0.11 -27.30
C LYS A 207 -12.57 0.04 -26.45
N TYR A 208 -13.72 0.26 -27.09
CA TYR A 208 -15.06 0.09 -26.50
C TYR A 208 -15.20 0.92 -25.23
N PHE A 209 -14.89 2.21 -25.33
CA PHE A 209 -15.19 3.13 -24.21
C PHE A 209 -16.71 3.30 -24.05
N ASN A 210 -17.21 3.12 -22.84
CA ASN A 210 -18.62 3.29 -22.47
C ASN A 210 -18.69 4.15 -21.22
N LEU A 211 -19.70 4.99 -21.15
CA LEU A 211 -20.13 5.75 -19.94
C LEU A 211 -21.56 5.32 -19.65
N PHE A 212 -21.87 5.07 -18.39
CA PHE A 212 -23.19 4.63 -17.90
C PHE A 212 -23.69 5.59 -16.83
N ASP A 213 -24.98 5.90 -16.85
CA ASP A 213 -25.59 6.81 -15.83
C ASP A 213 -26.11 5.95 -14.69
N LYS A 214 -25.28 5.02 -14.25
CA LYS A 214 -25.63 4.06 -13.17
C LYS A 214 -24.34 3.58 -12.49
N GLU A 215 -24.48 3.12 -11.25
CA GLU A 215 -23.41 2.40 -10.53
C GLU A 215 -23.55 0.95 -10.96
N LEU A 216 -22.68 0.43 -11.81
CA LEU A 216 -22.90 -0.98 -12.29
C LEU A 216 -22.67 -1.90 -11.10
N ASN A 217 -23.43 -2.99 -11.03
CA ASN A 217 -23.21 -4.02 -9.99
C ASN A 217 -22.28 -5.10 -10.57
N GLU A 218 -21.82 -6.00 -9.71
CA GLU A 218 -20.83 -7.06 -10.05
C GLU A 218 -21.36 -7.85 -11.23
N LYS A 219 -22.64 -8.18 -11.18
CA LYS A 219 -23.29 -9.07 -12.18
C LYS A 219 -23.31 -8.37 -13.55
N GLU A 220 -23.51 -7.05 -13.57
CA GLU A 220 -23.55 -6.24 -14.81
C GLU A 220 -22.14 -6.09 -15.39
N ILE A 221 -21.16 -5.90 -14.52
CA ILE A 221 -19.73 -5.81 -14.92
C ILE A 221 -19.31 -7.12 -15.61
N LYS A 222 -19.67 -8.28 -15.04
CA LYS A 222 -19.37 -9.63 -15.63
C LYS A 222 -19.99 -9.79 -17.02
N ASP A 223 -21.27 -9.42 -17.20
CA ASP A 223 -21.96 -9.48 -18.51
C ASP A 223 -21.27 -8.57 -19.52
N LEU A 224 -20.87 -7.37 -19.09
CA LEU A 224 -20.14 -6.39 -19.95
C LEU A 224 -18.85 -7.03 -20.46
N TYR A 225 -18.06 -7.54 -19.52
CA TYR A 225 -16.76 -8.20 -19.79
C TYR A 225 -16.98 -9.36 -20.75
N ASP A 226 -17.88 -10.29 -20.42
CA ASP A 226 -18.14 -11.52 -21.23
C ASP A 226 -18.70 -11.10 -22.60
N SER A 227 -19.60 -10.12 -22.68
CA SER A 227 -20.24 -9.76 -23.98
C SER A 227 -19.19 -9.16 -24.91
N GLN A 228 -18.29 -8.33 -24.39
CA GLN A 228 -17.38 -7.54 -25.25
C GLN A 228 -16.13 -8.36 -25.64
N SER A 229 -15.95 -9.54 -25.03
CA SER A 229 -14.83 -10.50 -25.27
C SER A 229 -14.73 -10.99 -26.73
N ASN A 230 -15.82 -10.94 -27.52
CA ASN A 230 -15.90 -11.49 -28.92
C ASN A 230 -15.47 -12.96 -28.95
N SER A 231 -16.23 -13.87 -28.31
CA SER A 231 -15.75 -15.26 -28.05
C SER A 231 -15.80 -16.15 -29.30
N GLY A 232 -16.34 -15.65 -30.45
CA GLY A 232 -16.32 -16.30 -31.77
C GLY A 232 -14.98 -16.13 -32.47
N ILE A 233 -14.22 -15.10 -32.11
CA ILE A 233 -12.83 -14.90 -32.63
C ILE A 233 -11.86 -15.35 -31.54
N LEU A 234 -10.89 -16.19 -31.88
CA LEU A 234 -9.84 -16.59 -30.93
C LEU A 234 -8.88 -15.42 -30.75
N LYS A 235 -8.21 -15.37 -29.61
CA LYS A 235 -7.20 -14.32 -29.30
C LYS A 235 -5.83 -14.91 -29.06
N ASP A 236 -4.83 -14.10 -29.39
CA ASP A 236 -3.42 -14.40 -29.05
C ASP A 236 -3.18 -13.99 -27.59
N PHE A 237 -1.98 -14.24 -27.10
CA PHE A 237 -1.59 -13.91 -25.71
C PHE A 237 -1.89 -12.46 -25.35
N TRP A 238 -1.61 -11.50 -26.26
CA TRP A 238 -1.80 -10.05 -26.02
C TRP A 238 -3.28 -9.68 -25.99
N GLY A 239 -4.16 -10.57 -26.46
CA GLY A 239 -5.61 -10.29 -26.58
C GLY A 239 -5.98 -9.80 -27.97
N ASN A 240 -5.04 -9.70 -28.92
CA ASN A 240 -5.41 -9.38 -30.33
C ASN A 240 -6.02 -10.62 -31.01
N TYR A 241 -6.64 -10.41 -32.15
CA TYR A 241 -7.21 -11.50 -32.98
C TYR A 241 -6.12 -12.48 -33.37
N LEU A 242 -6.40 -13.76 -33.13
CA LEU A 242 -5.56 -14.86 -33.59
C LEU A 242 -5.66 -14.87 -35.11
N GLN A 243 -4.52 -15.06 -35.77
CA GLN A 243 -4.42 -15.02 -37.25
C GLN A 243 -3.75 -16.27 -37.82
N TYR A 244 -4.11 -16.58 -39.06
CA TYR A 244 -3.42 -17.57 -39.93
C TYR A 244 -2.10 -16.97 -40.42
N ASP A 245 -1.13 -17.84 -40.74
CA ASP A 245 0.17 -17.48 -41.37
C ASP A 245 0.93 -16.49 -40.52
N LYS A 246 0.80 -16.57 -39.21
CA LYS A 246 1.57 -15.73 -38.27
C LYS A 246 2.25 -16.63 -37.24
N PRO A 247 3.59 -16.54 -37.13
CA PRO A 247 4.36 -17.35 -36.18
C PRO A 247 4.12 -17.00 -34.73
N TYR A 248 3.84 -18.02 -33.96
CA TYR A 248 3.50 -17.92 -32.53
C TYR A 248 4.37 -18.81 -31.69
N TYR A 249 4.96 -18.23 -30.65
CA TYR A 249 5.58 -19.00 -29.55
C TYR A 249 4.44 -19.53 -28.69
N MET A 250 4.62 -20.74 -28.17
CA MET A 250 3.52 -21.46 -27.51
C MET A 250 3.74 -21.46 -25.99
N LEU A 251 2.63 -21.33 -25.27
CA LEU A 251 2.61 -21.41 -23.79
C LEU A 251 1.44 -22.30 -23.41
N ASN A 252 1.72 -23.29 -22.59
CA ASN A 252 0.70 -24.18 -22.01
C ASN A 252 0.34 -23.64 -20.64
N LEU A 253 -0.94 -23.32 -20.43
CA LEU A 253 -1.39 -22.56 -19.26
C LEU A 253 -1.29 -23.38 -17.98
N PHE A 254 -1.21 -24.71 -18.06
CA PHE A 254 -1.05 -25.58 -16.89
C PHE A 254 0.38 -25.46 -16.35
N ASP A 255 1.32 -25.11 -17.23
CA ASP A 255 2.77 -25.03 -16.91
C ASP A 255 3.43 -23.91 -17.68
N PRO A 256 3.18 -22.67 -17.28
CA PRO A 256 3.59 -21.54 -18.09
C PRO A 256 5.10 -21.24 -18.07
N ASN A 257 5.84 -21.78 -17.10
CA ASN A 257 7.32 -21.72 -16.99
C ASN A 257 7.94 -22.70 -18.02
N LYS A 258 7.19 -23.28 -18.94
CA LYS A 258 7.79 -24.11 -20.01
C LYS A 258 7.44 -23.59 -21.41
N TYR A 259 8.25 -23.99 -22.36
CA TYR A 259 8.05 -23.74 -23.78
C TYR A 259 8.12 -25.08 -24.54
N VAL A 260 7.74 -25.03 -25.80
CA VAL A 260 7.71 -26.22 -26.69
C VAL A 260 9.04 -26.31 -27.43
N ASP A 261 9.53 -27.53 -27.58
CA ASP A 261 10.67 -27.83 -28.47
C ASP A 261 10.35 -29.12 -29.22
N VAL A 262 11.11 -29.40 -30.27
CA VAL A 262 10.92 -30.58 -31.13
C VAL A 262 12.16 -31.46 -30.95
N ASN A 263 11.96 -32.73 -30.69
CA ASN A 263 13.06 -33.72 -30.69
C ASN A 263 12.92 -34.54 -31.96
N ASN A 264 13.60 -34.14 -33.02
CA ASN A 264 13.72 -34.85 -34.33
C ASN A 264 12.43 -34.65 -35.14
N ILE A 265 12.61 -34.61 -36.44
CA ILE A 265 11.56 -34.57 -37.48
C ILE A 265 11.15 -36.00 -37.83
N GLY A 266 9.87 -36.22 -38.12
CA GLY A 266 9.36 -37.55 -38.52
C GLY A 266 8.55 -38.20 -37.42
N ILE A 267 7.94 -39.35 -37.71
CA ILE A 267 6.93 -40.01 -36.85
C ILE A 267 7.66 -40.62 -35.64
N ARG A 268 8.99 -40.71 -35.68
CA ARG A 268 9.80 -41.26 -34.53
C ARG A 268 10.30 -40.09 -33.66
N GLY A 269 10.02 -38.87 -34.09
CA GLY A 269 10.30 -37.65 -33.30
C GLY A 269 9.09 -37.25 -32.50
N TYR A 270 9.24 -36.23 -31.65
CA TYR A 270 8.16 -35.76 -30.76
C TYR A 270 8.43 -34.30 -30.41
N MET A 271 7.43 -33.69 -29.79
CA MET A 271 7.48 -32.32 -29.28
C MET A 271 7.32 -32.43 -27.78
N TYR A 272 7.86 -31.48 -27.04
CA TYR A 272 7.93 -31.63 -25.58
C TYR A 272 7.99 -30.26 -24.96
N LEU A 273 7.53 -30.21 -23.72
CA LEU A 273 7.66 -29.04 -22.83
C LEU A 273 9.03 -29.08 -22.12
N LYS A 274 9.64 -27.92 -22.07
CA LYS A 274 11.01 -27.74 -21.58
C LYS A 274 11.03 -26.46 -20.77
N GLY A 275 11.87 -26.42 -19.74
CA GLY A 275 11.99 -25.18 -18.92
C GLY A 275 13.07 -25.32 -17.86
N PRO A 276 13.26 -24.29 -17.01
CA PRO A 276 12.40 -23.10 -17.04
C PRO A 276 12.71 -22.15 -18.18
N ARG A 277 11.78 -21.23 -18.38
CA ARG A 277 12.00 -20.04 -19.26
C ARG A 277 13.21 -19.24 -18.74
N GLY A 278 13.86 -18.54 -19.64
CA GLY A 278 14.85 -17.52 -19.33
C GLY A 278 14.18 -16.30 -18.72
N SER A 279 14.94 -15.23 -18.65
CA SER A 279 14.54 -14.01 -17.92
C SER A 279 15.04 -12.79 -18.69
N VAL A 280 14.23 -11.74 -18.77
CA VAL A 280 14.64 -10.38 -19.25
C VAL A 280 14.51 -9.43 -18.07
N VAL A 281 15.48 -8.52 -17.93
CA VAL A 281 15.61 -7.68 -16.71
C VAL A 281 16.10 -6.28 -17.11
N THR A 282 15.50 -5.28 -16.48
CA THR A 282 16.08 -3.96 -16.23
C THR A 282 15.91 -3.66 -14.74
N THR A 283 17.01 -3.60 -14.00
CA THR A 283 17.01 -3.47 -12.52
C THR A 283 16.06 -2.34 -12.13
N ASN A 284 15.19 -2.59 -11.14
CA ASN A 284 14.18 -1.63 -10.62
C ASN A 284 13.07 -1.33 -11.64
N ILE A 285 13.10 -1.84 -12.88
CA ILE A 285 12.04 -1.53 -13.89
C ILE A 285 11.19 -2.77 -14.18
N TYR A 286 11.80 -3.88 -14.63
CA TYR A 286 11.06 -5.14 -14.87
C TYR A 286 11.99 -6.35 -14.75
N LEU A 287 11.38 -7.46 -14.33
CA LEU A 287 11.99 -8.80 -14.35
C LEU A 287 10.89 -9.80 -14.74
N ASN A 288 11.00 -10.38 -15.93
CA ASN A 288 9.93 -11.22 -16.52
C ASN A 288 10.55 -12.46 -17.14
N SER A 289 9.78 -13.53 -17.25
CA SER A 289 10.18 -14.67 -18.10
C SER A 289 10.22 -14.21 -19.56
N THR A 290 11.20 -14.72 -20.30
CA THR A 290 11.23 -14.65 -21.78
C THR A 290 10.03 -15.41 -22.36
N LEU A 291 9.33 -14.76 -23.27
CA LEU A 291 8.18 -15.29 -24.04
C LEU A 291 8.61 -15.82 -25.40
N TYR A 292 9.70 -15.30 -25.98
CA TYR A 292 10.08 -15.67 -27.36
C TYR A 292 10.97 -16.90 -27.28
N GLU A 293 10.46 -18.01 -26.74
CA GLU A 293 11.32 -19.20 -26.58
C GLU A 293 10.64 -20.40 -27.25
N GLY A 294 11.44 -21.26 -27.86
CA GLY A 294 10.96 -22.55 -28.36
C GLY A 294 10.51 -22.47 -29.79
N THR A 295 9.86 -23.56 -30.17
CA THR A 295 9.25 -23.82 -31.49
C THR A 295 8.09 -22.86 -31.69
N LYS A 296 8.03 -22.27 -32.89
CA LYS A 296 6.90 -21.43 -33.33
C LYS A 296 5.87 -22.33 -33.98
N PHE A 297 4.60 -22.05 -33.75
CA PHE A 297 3.48 -22.69 -34.46
C PHE A 297 2.91 -21.65 -35.43
N ILE A 298 2.48 -22.11 -36.60
CA ILE A 298 1.82 -21.27 -37.62
C ILE A 298 0.50 -21.95 -37.94
N ILE A 299 -0.60 -21.24 -37.80
CA ILE A 299 -1.95 -21.78 -38.05
C ILE A 299 -2.21 -21.62 -39.54
N LYS A 300 -2.57 -22.71 -40.22
CA LYS A 300 -2.72 -22.74 -41.70
C LYS A 300 -4.18 -23.02 -42.07
N LYS A 301 -4.66 -22.37 -43.12
CA LYS A 301 -6.09 -22.54 -43.51
C LYS A 301 -6.25 -23.94 -44.07
N TYR A 302 -7.28 -24.66 -43.63
CA TYR A 302 -7.77 -25.91 -44.26
C TYR A 302 -9.18 -25.62 -44.76
N ALA A 303 -10.12 -25.45 -43.85
CA ALA A 303 -11.54 -25.25 -44.17
C ALA A 303 -11.91 -23.76 -44.33
N SER A 304 -11.09 -22.79 -43.91
CA SER A 304 -11.41 -21.35 -44.16
C SER A 304 -10.99 -20.99 -45.58
N GLY A 305 -11.81 -20.18 -46.27
CA GLY A 305 -11.44 -19.51 -47.53
C GLY A 305 -10.59 -18.28 -47.25
N ASN A 306 -10.09 -17.66 -48.31
CA ASN A 306 -9.14 -16.51 -48.23
C ASN A 306 -9.91 -15.20 -48.05
N GLU A 307 -10.99 -15.21 -47.25
CA GLU A 307 -11.80 -14.01 -46.94
C GLU A 307 -10.93 -13.07 -46.08
N ASP A 308 -10.59 -13.48 -44.86
CA ASP A 308 -9.63 -12.75 -43.99
C ASP A 308 -8.68 -13.76 -43.33
N ASN A 309 -7.77 -13.29 -42.49
CA ASN A 309 -6.75 -14.14 -41.85
C ASN A 309 -7.10 -14.31 -40.38
N ILE A 310 -8.37 -14.14 -40.01
CA ILE A 310 -8.81 -14.19 -38.59
C ILE A 310 -9.16 -15.63 -38.27
N VAL A 311 -8.65 -16.17 -37.17
CA VAL A 311 -8.99 -17.57 -36.79
C VAL A 311 -10.21 -17.53 -35.89
N ARG A 312 -11.23 -18.32 -36.22
CA ARG A 312 -12.54 -18.24 -35.55
C ARG A 312 -12.79 -19.53 -34.79
N ASN A 313 -13.63 -19.45 -33.78
CA ASN A 313 -14.17 -20.63 -33.08
C ASN A 313 -14.66 -21.66 -34.11
N ASN A 314 -14.15 -22.89 -34.00
CA ASN A 314 -14.54 -24.11 -34.75
C ASN A 314 -13.93 -24.08 -36.15
N ASP A 315 -13.06 -23.12 -36.47
CA ASP A 315 -12.27 -23.24 -37.71
C ASP A 315 -11.51 -24.58 -37.66
N ARG A 316 -11.49 -25.29 -38.78
CA ARG A 316 -10.75 -26.55 -38.95
C ARG A 316 -9.50 -26.15 -39.70
N VAL A 317 -8.32 -26.37 -39.10
CA VAL A 317 -7.02 -25.82 -39.59
C VAL A 317 -6.01 -26.95 -39.64
N TYR A 318 -4.86 -26.65 -40.24
CA TYR A 318 -3.56 -27.35 -40.01
C TYR A 318 -2.71 -26.49 -39.08
N ILE A 319 -1.78 -27.14 -38.36
CA ILE A 319 -0.70 -26.48 -37.58
C ILE A 319 0.65 -26.85 -38.21
N ASN A 320 1.35 -25.83 -38.63
CA ASN A 320 2.77 -25.95 -38.99
C ASN A 320 3.60 -25.58 -37.77
N VAL A 321 4.80 -26.18 -37.74
CA VAL A 321 5.81 -26.11 -36.66
C VAL A 321 7.11 -25.71 -37.34
N VAL A 322 7.78 -24.71 -36.79
CA VAL A 322 9.03 -24.15 -37.38
C VAL A 322 10.19 -24.81 -36.64
N VAL A 323 11.01 -25.56 -37.34
CA VAL A 323 12.29 -26.12 -36.81
C VAL A 323 13.42 -25.63 -37.74
N LYS A 324 14.32 -24.79 -37.22
CA LYS A 324 15.47 -24.24 -37.96
C LYS A 324 14.96 -23.56 -39.24
N ASN A 325 14.06 -22.59 -39.08
CA ASN A 325 13.47 -21.72 -40.14
C ASN A 325 12.83 -22.55 -41.23
N LYS A 326 12.40 -23.78 -40.93
CA LYS A 326 11.70 -24.63 -41.91
C LYS A 326 10.40 -25.09 -41.26
N GLU A 327 9.35 -25.23 -42.07
CA GLU A 327 7.99 -25.59 -41.67
C GLU A 327 7.76 -27.09 -41.83
N TYR A 328 7.15 -27.67 -40.81
CA TYR A 328 6.73 -29.09 -40.75
C TYR A 328 5.30 -29.14 -40.29
N ARG A 329 4.66 -30.27 -40.51
CA ARG A 329 3.23 -30.44 -40.22
C ARG A 329 3.13 -31.21 -38.91
N LEU A 330 2.37 -30.65 -37.99
CA LEU A 330 1.92 -31.32 -36.76
C LEU A 330 0.96 -32.43 -37.17
N ALA A 331 1.30 -33.65 -36.81
CA ALA A 331 0.46 -34.81 -37.14
C ALA A 331 0.65 -35.90 -36.11
N THR A 332 -0.21 -36.91 -36.18
CA THR A 332 -0.03 -38.15 -35.41
C THR A 332 -0.60 -39.32 -36.20
N ASN A 333 -0.24 -40.50 -35.76
CA ASN A 333 -0.89 -41.77 -36.14
C ASN A 333 -1.95 -42.08 -35.11
N ALA A 334 -3.24 -41.92 -35.45
CA ALA A 334 -4.39 -42.20 -34.56
C ALA A 334 -4.45 -43.68 -34.12
N SER A 335 -3.89 -44.60 -34.92
CA SER A 335 -3.82 -46.07 -34.65
C SER A 335 -2.92 -46.44 -33.46
N GLN A 336 -2.01 -45.58 -33.02
CA GLN A 336 -0.99 -45.97 -32.00
C GLN A 336 -1.72 -46.45 -30.72
N ALA A 337 -1.12 -47.39 -29.99
CA ALA A 337 -1.68 -47.92 -28.72
C ALA A 337 -1.95 -46.77 -27.76
N GLY A 338 -3.11 -46.80 -27.09
CA GLY A 338 -3.38 -45.96 -25.93
C GLY A 338 -4.19 -44.73 -26.32
N VAL A 339 -4.82 -44.08 -25.34
CA VAL A 339 -5.58 -42.83 -25.58
C VAL A 339 -4.60 -41.72 -26.01
N GLU A 340 -3.38 -41.72 -25.45
CA GLU A 340 -2.41 -40.61 -25.64
C GLU A 340 -1.77 -40.77 -27.01
N LYS A 341 -2.00 -39.86 -27.95
CA LYS A 341 -1.35 -39.88 -29.29
C LYS A 341 -0.22 -38.85 -29.32
N ILE A 342 1.01 -39.33 -29.29
CA ILE A 342 2.23 -38.50 -29.35
C ILE A 342 2.22 -37.77 -30.70
N LEU A 343 2.35 -36.46 -30.67
CA LEU A 343 2.38 -35.63 -31.89
C LEU A 343 3.80 -35.66 -32.48
N SER A 344 3.89 -35.51 -33.79
CA SER A 344 5.19 -35.43 -34.48
C SER A 344 5.19 -34.21 -35.39
N ALA A 345 6.36 -33.71 -35.73
CA ALA A 345 6.61 -32.70 -36.78
C ALA A 345 7.01 -33.43 -38.07
N LEU A 346 6.11 -33.52 -39.05
CA LEU A 346 6.33 -34.32 -40.29
C LEU A 346 6.68 -33.42 -41.49
N GLU A 347 7.53 -33.91 -42.38
CA GLU A 347 7.73 -33.31 -43.73
C GLU A 347 6.33 -33.16 -44.31
N ILE A 348 5.99 -31.97 -44.78
CA ILE A 348 4.61 -31.70 -45.29
C ILE A 348 4.29 -32.69 -46.41
N PRO A 349 5.23 -33.02 -47.34
CA PRO A 349 4.96 -34.06 -48.35
C PRO A 349 4.53 -35.42 -47.78
N ASP A 350 5.01 -35.81 -46.59
CA ASP A 350 4.91 -37.21 -46.08
C ASP A 350 3.67 -37.43 -45.23
N VAL A 351 2.92 -36.40 -44.91
CA VAL A 351 1.87 -36.59 -43.88
C VAL A 351 0.96 -37.76 -44.33
N GLY A 352 0.77 -37.96 -45.64
CA GLY A 352 -0.12 -39.03 -46.13
C GLY A 352 -1.47 -38.97 -45.47
N ASN A 353 -2.00 -40.11 -45.04
CA ASN A 353 -3.32 -40.18 -44.35
C ASN A 353 -3.19 -39.98 -42.83
N LEU A 354 -2.04 -39.51 -42.31
CA LEU A 354 -1.88 -39.22 -40.85
C LEU A 354 -2.84 -38.12 -40.39
N SER A 355 -3.45 -38.26 -39.20
CA SER A 355 -4.37 -37.25 -38.62
C SER A 355 -3.64 -35.89 -38.43
N GLN A 356 -4.22 -34.79 -38.92
CA GLN A 356 -3.55 -33.46 -38.92
C GLN A 356 -4.55 -32.31 -38.82
N VAL A 357 -5.84 -32.56 -38.95
CA VAL A 357 -6.85 -31.48 -38.95
C VAL A 357 -7.20 -31.19 -37.49
N VAL A 358 -7.13 -29.90 -37.17
CA VAL A 358 -7.34 -29.36 -35.80
C VAL A 358 -8.56 -28.44 -35.83
N VAL A 359 -9.48 -28.65 -34.88
CA VAL A 359 -10.59 -27.73 -34.60
C VAL A 359 -10.08 -26.71 -33.56
N MET A 360 -10.01 -25.46 -33.94
CA MET A 360 -9.65 -24.34 -33.04
C MET A 360 -10.87 -23.99 -32.19
N LYS A 361 -10.72 -23.92 -30.87
CA LYS A 361 -11.82 -23.58 -29.93
C LYS A 361 -11.41 -22.47 -28.95
N SER A 362 -12.37 -21.66 -28.49
CA SER A 362 -12.27 -20.78 -27.28
C SER A 362 -12.86 -21.49 -26.06
N LYS A 363 -12.27 -21.29 -24.88
CA LYS A 363 -12.62 -22.00 -23.62
C LYS A 363 -13.89 -21.38 -23.02
N ASN A 370 -8.82 -15.82 -25.54
CA ASN A 370 -7.37 -16.04 -25.27
C ASN A 370 -7.06 -17.52 -25.05
N LYS A 371 -7.90 -18.19 -24.25
CA LYS A 371 -7.71 -19.61 -23.85
C LYS A 371 -8.13 -20.48 -25.05
N CYS A 372 -7.13 -20.83 -25.84
CA CYS A 372 -7.28 -21.63 -27.07
C CYS A 372 -7.14 -23.11 -26.73
N LYS A 373 -7.99 -23.91 -27.38
CA LYS A 373 -7.90 -25.37 -27.42
C LYS A 373 -7.83 -25.80 -28.88
N MET A 374 -7.17 -26.93 -29.08
CA MET A 374 -6.90 -27.55 -30.41
C MET A 374 -7.36 -29.01 -30.34
N ASN A 375 -8.48 -29.32 -31.01
CA ASN A 375 -9.06 -30.67 -31.07
C ASN A 375 -8.60 -31.35 -32.36
N LEU A 376 -7.63 -32.24 -32.28
CA LEU A 376 -7.14 -33.02 -33.44
C LEU A 376 -8.24 -33.98 -33.90
N GLN A 377 -8.41 -34.15 -35.20
CA GLN A 377 -9.44 -35.09 -35.73
C GLN A 377 -8.80 -36.05 -36.73
N ASP A 378 -9.32 -37.26 -36.83
CA ASP A 378 -8.89 -38.17 -37.93
C ASP A 378 -9.56 -37.67 -39.24
N ASN A 379 -9.23 -38.32 -40.34
CA ASN A 379 -9.73 -37.98 -41.69
C ASN A 379 -11.19 -38.40 -41.91
N ASN A 380 -11.88 -38.96 -40.91
CA ASN A 380 -13.34 -39.17 -40.93
C ASN A 380 -14.06 -38.19 -40.01
N GLY A 381 -13.37 -37.17 -39.47
CA GLY A 381 -13.99 -36.19 -38.56
C GLY A 381 -14.31 -36.79 -37.20
N ASN A 382 -13.71 -37.91 -36.80
CA ASN A 382 -13.72 -38.35 -35.36
C ASN A 382 -12.64 -37.59 -34.58
N ASP A 383 -12.94 -37.24 -33.34
CA ASP A 383 -11.98 -36.65 -32.38
C ASP A 383 -10.82 -37.60 -32.11
N ILE A 384 -9.57 -37.21 -32.34
CA ILE A 384 -8.38 -37.85 -31.70
C ILE A 384 -8.13 -37.23 -30.31
N GLY A 385 -8.49 -35.96 -30.13
CA GLY A 385 -8.47 -35.31 -28.82
C GLY A 385 -7.84 -33.93 -28.82
N PHE A 386 -8.11 -33.21 -27.73
CA PHE A 386 -7.48 -31.92 -27.43
C PHE A 386 -5.98 -32.16 -27.28
N ILE A 387 -5.22 -31.19 -27.78
CA ILE A 387 -3.76 -31.18 -27.71
C ILE A 387 -3.37 -30.72 -26.30
N GLY A 388 -2.54 -31.53 -25.67
CA GLY A 388 -2.09 -31.30 -24.30
C GLY A 388 -0.71 -31.89 -24.18
N PHE A 389 -0.41 -32.52 -23.05
CA PHE A 389 0.88 -33.20 -22.83
C PHE A 389 0.69 -34.38 -21.86
N HIS A 390 1.59 -35.33 -21.96
CA HIS A 390 1.61 -36.54 -21.11
C HIS A 390 3.07 -36.79 -20.72
N LEU A 391 3.31 -37.08 -19.45
CA LEU A 391 4.65 -37.48 -18.92
C LEU A 391 4.97 -38.91 -19.35
N TYR A 392 6.03 -39.07 -20.14
CA TYR A 392 6.66 -40.36 -20.49
C TYR A 392 8.09 -40.38 -19.89
N ASP A 393 8.26 -40.96 -18.70
CA ASP A 393 9.60 -41.09 -18.07
C ASP A 393 10.23 -39.68 -18.01
N ASN A 394 9.54 -38.75 -17.35
CA ASN A 394 10.12 -37.40 -17.13
C ASN A 394 10.35 -36.62 -18.43
N ILE A 395 9.64 -36.95 -19.52
CA ILE A 395 9.44 -36.02 -20.64
C ILE A 395 7.94 -35.79 -20.85
N ALA A 396 7.52 -34.53 -20.77
CA ALA A 396 6.12 -34.09 -21.03
C ALA A 396 5.99 -33.90 -22.54
N LYS A 397 5.67 -34.98 -23.23
CA LYS A 397 5.51 -35.00 -24.70
C LYS A 397 4.14 -34.42 -25.05
N LEU A 398 4.09 -33.66 -26.14
CA LEU A 398 2.80 -33.09 -26.61
C LEU A 398 1.97 -34.27 -27.11
N VAL A 399 0.71 -34.31 -26.75
CA VAL A 399 -0.17 -35.41 -27.21
C VAL A 399 -1.51 -34.84 -27.69
N ALA A 400 -2.24 -35.58 -28.52
CA ALA A 400 -3.72 -35.41 -28.61
C ALA A 400 -4.34 -36.52 -27.77
N SER A 401 -5.27 -36.22 -26.86
CA SER A 401 -5.87 -37.26 -25.97
C SER A 401 -7.34 -36.95 -25.70
N ASN A 402 -8.19 -37.93 -25.99
CA ASN A 402 -9.64 -37.82 -25.72
C ASN A 402 -9.84 -37.92 -24.23
N TRP A 403 -8.79 -38.23 -23.47
CA TRP A 403 -8.84 -38.04 -22.01
C TRP A 403 -9.36 -36.64 -21.72
N TYR A 404 -8.83 -35.66 -22.44
CA TYR A 404 -9.16 -34.23 -22.18
C TYR A 404 -10.62 -34.00 -22.54
N ASN A 405 -11.04 -34.59 -23.65
CA ASN A 405 -12.40 -34.36 -24.21
C ASN A 405 -13.40 -34.96 -23.25
N ARG A 406 -13.11 -36.11 -22.65
CA ARG A 406 -14.02 -36.72 -21.65
C ARG A 406 -14.00 -35.87 -20.38
N GLN A 407 -12.83 -35.38 -19.98
CA GLN A 407 -12.68 -34.72 -18.66
C GLN A 407 -13.51 -33.44 -18.65
N VAL A 408 -13.58 -32.80 -19.80
CA VAL A 408 -14.37 -31.54 -19.94
C VAL A 408 -15.84 -31.84 -19.57
N GLY A 409 -16.33 -33.06 -19.83
CA GLY A 409 -17.72 -33.45 -19.52
C GLY A 409 -17.92 -34.12 -18.17
N LYS A 410 -16.85 -34.31 -17.38
CA LYS A 410 -16.84 -35.16 -16.16
C LYS A 410 -16.19 -34.44 -14.99
N ALA A 411 -15.80 -33.17 -15.19
CA ALA A 411 -15.14 -32.37 -14.15
C ALA A 411 -15.51 -30.92 -14.40
N SER A 412 -15.53 -30.17 -13.32
CA SER A 412 -15.83 -28.72 -13.32
C SER A 412 -14.71 -28.01 -14.09
N ARG A 413 -13.49 -28.53 -13.99
CA ARG A 413 -12.34 -27.99 -14.78
C ARG A 413 -11.44 -29.12 -15.31
N THR A 414 -10.70 -28.79 -16.36
CA THR A 414 -9.76 -29.67 -17.07
C THR A 414 -8.43 -28.93 -17.24
N PHE A 415 -7.32 -29.53 -16.85
CA PHE A 415 -6.00 -28.85 -16.84
C PHE A 415 -5.06 -29.49 -17.87
N GLY A 416 -4.44 -28.65 -18.70
CA GLY A 416 -3.33 -29.10 -19.56
C GLY A 416 -3.58 -28.98 -21.05
N CYS A 417 -4.83 -28.73 -21.48
CA CYS A 417 -5.22 -28.67 -22.90
C CYS A 417 -5.58 -27.23 -23.31
N SER A 418 -5.14 -26.23 -22.54
CA SER A 418 -5.34 -24.78 -22.84
C SER A 418 -4.02 -24.09 -23.11
N TRP A 419 -3.98 -23.32 -24.19
CA TRP A 419 -2.74 -22.78 -24.77
C TRP A 419 -2.89 -21.27 -25.02
N GLU A 420 -1.77 -20.56 -24.97
CA GLU A 420 -1.68 -19.18 -25.47
C GLU A 420 -0.69 -19.16 -26.64
N PHE A 421 -0.97 -18.31 -27.63
CA PHE A 421 -0.20 -18.14 -28.88
C PHE A 421 0.44 -16.76 -28.77
N ILE A 422 1.78 -16.70 -28.72
CA ILE A 422 2.49 -15.44 -28.40
C ILE A 422 3.30 -15.00 -29.62
N PRO A 423 2.83 -14.00 -30.36
CA PRO A 423 3.61 -13.42 -31.43
C PRO A 423 4.53 -12.33 -30.89
N VAL A 424 5.52 -11.96 -31.70
CA VAL A 424 6.42 -10.83 -31.39
C VAL A 424 5.58 -9.54 -31.36
N ASP A 425 5.76 -8.69 -30.37
CA ASP A 425 4.94 -7.47 -30.22
C ASP A 425 5.83 -6.37 -29.69
N ASP A 426 5.70 -5.17 -30.28
CA ASP A 426 6.58 -4.00 -29.99
C ASP A 426 6.38 -3.52 -28.56
N GLY A 427 5.20 -3.67 -27.96
CA GLY A 427 4.98 -3.21 -26.57
C GLY A 427 5.61 -4.14 -25.54
N TRP A 428 6.25 -5.24 -25.97
CA TRP A 428 6.86 -6.23 -25.04
C TRP A 428 8.37 -6.02 -25.06
N GLY A 429 8.97 -6.01 -26.24
CA GLY A 429 10.29 -5.39 -26.45
C GLY A 429 11.46 -6.31 -26.11
N GLU A 430 11.21 -7.58 -25.83
CA GLU A 430 12.27 -8.62 -25.70
C GLU A 430 12.87 -8.87 -27.10
N SER A 431 14.13 -9.24 -27.18
CA SER A 431 14.78 -9.58 -28.46
C SER A 431 14.15 -10.86 -29.04
N SER A 432 13.80 -10.85 -30.33
CA SER A 432 13.20 -12.01 -31.07
C SER A 432 14.28 -12.90 -31.70
N THR B 13 -10.53 8.58 6.68
CA THR B 13 -9.70 7.79 5.66
C THR B 13 -9.25 6.43 6.25
N SER B 14 -9.46 6.24 7.56
CA SER B 14 -9.09 5.04 8.33
C SER B 14 -10.12 3.93 8.04
N ILE B 15 -9.71 2.67 8.02
CA ILE B 15 -10.63 1.51 7.91
C ILE B 15 -10.74 0.79 9.25
N LEU B 16 -10.09 1.33 10.28
CA LEU B 16 -10.10 0.82 11.67
C LEU B 16 -9.37 1.86 12.53
N SER B 17 -9.98 2.22 13.65
CA SER B 17 -9.61 3.36 14.53
C SER B 17 -10.04 2.99 15.95
N ILE B 18 -9.19 2.28 16.68
CA ILE B 18 -9.56 1.77 18.03
C ILE B 18 -9.32 2.90 19.03
N VAL B 19 -10.35 3.22 19.81
CA VAL B 19 -10.31 4.22 20.93
C VAL B 19 -11.09 3.60 22.09
N TYR B 20 -10.89 4.14 23.30
CA TYR B 20 -11.55 3.62 24.53
C TYR B 20 -12.90 4.32 24.71
N LYS B 21 -13.92 3.55 25.12
CA LYS B 21 -15.23 4.09 25.60
C LYS B 21 -15.80 3.14 26.67
N LYS B 22 -16.20 3.72 27.81
CA LYS B 22 -16.97 3.02 28.90
C LYS B 22 -16.43 1.60 29.12
N ASP B 23 -15.20 1.49 29.61
CA ASP B 23 -14.51 0.22 29.93
C ASP B 23 -14.64 -0.76 28.76
N ASP B 24 -14.50 -0.26 27.53
CA ASP B 24 -14.41 -1.10 26.31
C ASP B 24 -13.64 -0.35 25.23
N LEU B 25 -13.16 -1.06 24.22
CA LEU B 25 -12.53 -0.43 23.04
C LEU B 25 -13.52 -0.53 21.90
N ILE B 26 -13.69 0.56 21.17
CA ILE B 26 -14.65 0.62 20.01
C ILE B 26 -13.89 1.08 18.76
N ASP B 27 -14.34 0.58 17.62
CA ASP B 27 -13.87 1.04 16.30
C ASP B 27 -14.61 2.33 15.97
N LEU B 28 -13.90 3.42 15.70
CA LEU B 28 -14.52 4.71 15.37
C LEU B 28 -14.65 4.84 13.85
N SER B 29 -14.12 3.88 13.08
CA SER B 29 -14.30 3.88 11.61
C SER B 29 -15.76 3.60 11.28
N ARG B 30 -16.22 4.03 10.11
CA ARG B 30 -17.63 3.82 9.69
C ARG B 30 -17.93 2.33 9.51
N TYR B 31 -16.98 1.42 9.79
CA TYR B 31 -17.12 -0.01 9.45
C TYR B 31 -17.32 -0.87 10.71
N GLY B 32 -17.42 -0.25 11.89
CA GLY B 32 -17.75 -0.95 13.16
C GLY B 32 -17.19 -2.36 13.19
N ALA B 33 -15.90 -2.51 13.51
CA ALA B 33 -15.26 -3.82 13.67
C ALA B 33 -15.72 -4.46 14.99
N LYS B 34 -15.69 -5.77 15.07
CA LYS B 34 -15.89 -6.48 16.35
C LYS B 34 -14.53 -6.47 17.08
N ILE B 35 -14.56 -6.18 18.39
CA ILE B 35 -13.36 -6.13 19.28
C ILE B 35 -13.62 -7.04 20.49
N ASN B 36 -12.96 -8.19 20.59
CA ASN B 36 -13.00 -9.10 21.78
C ASN B 36 -11.77 -8.85 22.64
N ILE B 37 -12.00 -8.58 23.93
CA ILE B 37 -10.97 -8.17 24.92
C ILE B 37 -10.82 -9.28 25.96
N GLY B 38 -9.59 -9.77 26.15
CA GLY B 38 -9.25 -10.76 27.19
C GLY B 38 -9.55 -10.28 28.60
N ASP B 39 -9.51 -11.21 29.57
CA ASP B 39 -9.67 -10.94 31.03
C ASP B 39 -8.61 -9.92 31.49
N ARG B 40 -7.35 -10.15 31.09
CA ARG B 40 -6.13 -9.45 31.61
C ARG B 40 -5.67 -8.38 30.63
N VAL B 41 -6.52 -7.38 30.39
CA VAL B 41 -6.19 -6.17 29.58
C VAL B 41 -6.58 -4.98 30.44
N TYR B 42 -5.68 -4.02 30.63
CA TYR B 42 -5.87 -2.88 31.57
C TYR B 42 -5.68 -1.55 30.86
N TYR B 43 -6.42 -0.54 31.35
CA TYR B 43 -6.44 0.86 30.87
C TYR B 43 -5.85 1.75 31.99
N ASP B 44 -5.13 2.79 31.59
CA ASP B 44 -4.49 3.76 32.51
C ASP B 44 -5.57 4.63 33.14
N SER B 45 -5.46 4.92 34.45
CA SER B 45 -6.51 5.69 35.18
C SER B 45 -6.49 7.17 34.73
N ILE B 46 -5.33 7.71 34.40
CA ILE B 46 -5.22 9.12 33.89
C ILE B 46 -5.79 9.15 32.47
N ASP B 47 -5.35 8.23 31.59
CA ASP B 47 -5.54 8.30 30.12
C ASP B 47 -5.98 6.92 29.64
N LYS B 48 -7.28 6.72 29.49
CA LYS B 48 -7.91 5.38 29.38
C LYS B 48 -7.53 4.74 28.03
N ASN B 49 -7.09 5.56 27.07
CA ASN B 49 -6.61 5.12 25.74
C ASN B 49 -5.27 4.38 25.82
N GLN B 50 -4.54 4.54 26.91
CA GLN B 50 -3.28 3.80 27.15
C GLN B 50 -3.63 2.38 27.56
N ILE B 51 -3.51 1.46 26.62
CA ILE B 51 -3.88 0.04 26.85
C ILE B 51 -2.61 -0.73 27.27
N LYS B 52 -2.68 -1.49 28.35
CA LYS B 52 -1.57 -2.36 28.80
C LYS B 52 -1.88 -3.81 28.44
N LEU B 53 -0.97 -4.46 27.70
CA LEU B 53 -0.98 -5.92 27.44
C LEU B 53 0.21 -6.55 28.18
N ILE B 54 -0.08 -7.53 29.03
CA ILE B 54 0.98 -8.26 29.80
C ILE B 54 1.28 -9.61 29.11
N ASN B 55 2.31 -10.31 29.58
CA ASN B 55 2.74 -11.59 28.97
C ASN B 55 1.87 -12.73 29.51
N LEU B 56 0.58 -12.75 29.18
CA LEU B 56 -0.39 -13.79 29.58
C LEU B 56 -1.34 -14.09 28.42
N GLU B 57 -1.85 -15.33 28.35
CA GLU B 57 -2.71 -15.85 27.26
C GLU B 57 -4.03 -15.08 27.16
N SER B 58 -4.54 -14.54 28.27
CA SER B 58 -5.82 -13.79 28.32
C SER B 58 -5.61 -12.27 28.26
N SER B 59 -4.37 -11.81 27.96
CA SER B 59 -4.07 -10.38 27.63
C SER B 59 -4.08 -10.23 26.10
N THR B 60 -5.30 -10.25 25.55
CA THR B 60 -5.57 -10.28 24.10
C THR B 60 -6.61 -9.20 23.78
N ILE B 61 -6.42 -8.56 22.62
CA ILE B 61 -7.47 -7.81 21.89
C ILE B 61 -7.58 -8.48 20.52
N GLU B 62 -8.76 -8.96 20.16
CA GLU B 62 -9.02 -9.62 18.87
C GLU B 62 -9.97 -8.74 18.10
N VAL B 63 -9.54 -8.30 16.92
CA VAL B 63 -10.33 -7.36 16.09
C VAL B 63 -10.76 -8.11 14.81
N ILE B 64 -12.07 -8.11 14.52
CA ILE B 64 -12.69 -8.77 13.34
C ILE B 64 -13.22 -7.66 12.42
N LEU B 65 -12.60 -7.56 11.25
CA LEU B 65 -13.02 -6.62 10.18
C LEU B 65 -14.29 -7.15 9.52
N LYS B 66 -15.28 -6.29 9.29
CA LYS B 66 -16.42 -6.55 8.38
C LYS B 66 -15.85 -7.04 7.04
N ASN B 67 -16.49 -8.07 6.45
CA ASN B 67 -16.17 -8.57 5.08
C ASN B 67 -16.20 -7.39 4.10
N ALA B 68 -17.03 -6.38 4.38
CA ALA B 68 -17.26 -5.15 3.58
C ALA B 68 -15.93 -4.44 3.22
N ILE B 69 -15.00 -4.30 4.17
CA ILE B 69 -13.72 -3.57 3.96
C ILE B 69 -12.57 -4.52 3.64
N VAL B 70 -12.72 -5.82 3.92
CA VAL B 70 -11.68 -6.84 3.61
C VAL B 70 -11.79 -7.24 2.14
N TYR B 71 -10.68 -7.23 1.41
CA TYR B 71 -10.69 -7.57 -0.04
C TYR B 71 -9.25 -7.94 -0.43
N ASN B 72 -9.16 -8.83 -1.41
CA ASN B 72 -7.93 -9.57 -1.80
C ASN B 72 -6.72 -8.65 -1.91
N SER B 73 -6.87 -7.49 -2.57
CA SER B 73 -5.71 -6.63 -2.90
C SER B 73 -5.59 -5.44 -1.92
N MET B 74 -6.22 -5.48 -0.74
CA MET B 74 -6.25 -4.31 0.17
C MET B 74 -4.84 -4.06 0.74
N TYR B 75 -4.04 -5.12 0.93
CA TYR B 75 -2.66 -5.07 1.49
C TYR B 75 -1.62 -4.85 0.39
N GLU B 76 -2.03 -4.35 -0.77
CA GLU B 76 -1.09 -3.90 -1.84
C GLU B 76 -0.80 -2.40 -1.66
N ASN B 77 -1.58 -1.75 -0.81
CA ASN B 77 -1.50 -0.29 -0.60
C ASN B 77 -2.21 0.01 0.73
N PHE B 78 -1.44 0.11 1.81
CA PHE B 78 -1.99 0.25 3.17
C PHE B 78 -0.90 0.72 4.14
N SER B 79 -1.38 1.33 5.21
CA SER B 79 -0.58 1.94 6.28
C SER B 79 -1.19 1.52 7.62
N THR B 80 -0.37 1.40 8.66
CA THR B 80 -0.83 1.22 10.05
C THR B 80 -0.16 2.29 10.93
N SER B 81 -0.82 2.76 11.97
CA SER B 81 -0.21 3.71 12.94
C SER B 81 -0.72 3.38 14.34
N PHE B 82 0.15 3.60 15.31
CA PHE B 82 -0.09 3.40 16.75
C PHE B 82 1.04 4.07 17.56
N TRP B 83 0.72 4.33 18.82
CA TRP B 83 1.68 4.75 19.86
C TRP B 83 1.96 3.50 20.70
N ILE B 84 3.23 3.32 21.05
CA ILE B 84 3.70 2.22 21.94
C ILE B 84 4.66 2.84 22.98
N LYS B 85 4.65 2.27 24.19
CA LYS B 85 5.59 2.55 25.30
C LYS B 85 6.13 1.20 25.70
N ILE B 86 7.42 0.98 25.46
CA ILE B 86 8.13 -0.30 25.67
C ILE B 86 9.07 -0.10 26.86
N PRO B 87 8.79 -0.75 28.00
CA PRO B 87 9.68 -0.67 29.16
C PRO B 87 11.10 -1.10 28.81
N LYS B 88 12.07 -0.57 29.57
CA LYS B 88 13.49 -0.93 29.36
C LYS B 88 13.60 -2.46 29.47
N TYR B 89 14.43 -3.06 28.64
CA TYR B 89 14.80 -4.49 28.78
C TYR B 89 15.89 -4.61 29.85
N PHE B 90 15.58 -5.33 30.93
CA PHE B 90 16.42 -5.45 32.18
C PHE B 90 17.38 -6.65 32.13
N SER B 91 17.06 -7.74 31.43
CA SER B 91 17.78 -9.02 31.65
C SER B 91 18.07 -9.78 30.36
N LYS B 92 18.99 -10.75 30.49
CA LYS B 92 19.64 -11.50 29.38
C LYS B 92 18.56 -12.28 28.64
N ILE B 93 17.51 -12.72 29.33
CA ILE B 93 16.38 -13.47 28.71
C ILE B 93 15.78 -12.62 27.55
N ASN B 94 15.94 -11.30 27.56
CA ASN B 94 15.29 -10.39 26.57
C ASN B 94 16.10 -10.33 25.30
N LEU B 95 17.40 -10.63 25.37
CA LEU B 95 18.27 -10.68 24.18
C LEU B 95 17.83 -11.86 23.31
N ASN B 96 17.84 -11.69 22.00
CA ASN B 96 17.53 -12.77 21.01
C ASN B 96 16.18 -13.42 21.34
N ASN B 97 15.15 -12.63 21.65
CA ASN B 97 13.77 -13.14 21.84
C ASN B 97 12.77 -12.22 21.08
N GLU B 98 12.71 -12.33 19.76
CA GLU B 98 11.66 -11.68 18.94
C GLU B 98 10.29 -12.24 19.34
N TYR B 99 9.37 -11.37 19.75
CA TYR B 99 7.98 -11.70 20.14
C TYR B 99 7.05 -10.83 19.29
N THR B 100 5.97 -11.44 18.79
CA THR B 100 4.90 -10.75 18.03
C THR B 100 4.03 -10.02 19.04
N ILE B 101 3.54 -8.84 18.67
CA ILE B 101 2.58 -8.06 19.51
C ILE B 101 1.31 -7.76 18.72
N ILE B 102 1.43 -7.63 17.39
CA ILE B 102 0.22 -7.38 16.52
C ILE B 102 0.29 -8.33 15.31
N ASN B 103 -0.68 -9.26 15.23
CA ASN B 103 -0.68 -10.41 14.27
C ASN B 103 -1.84 -10.29 13.28
N CYS B 104 -1.52 -10.14 11.99
CA CYS B 104 -2.52 -10.25 10.87
C CYS B 104 -1.97 -11.25 9.84
N ILE B 105 -1.49 -12.40 10.33
CA ILE B 105 -0.96 -13.52 9.49
C ILE B 105 -2.02 -14.61 9.43
N GLU B 106 -2.27 -15.17 8.24
CA GLU B 106 -3.16 -16.34 8.01
C GLU B 106 -2.57 -17.16 6.87
N ASN B 107 -2.40 -18.46 7.08
CA ASN B 107 -1.77 -19.39 6.09
C ASN B 107 -0.38 -18.85 5.74
N ASN B 108 0.38 -18.40 6.75
CA ASN B 108 1.77 -17.90 6.50
C ASN B 108 1.75 -16.80 5.42
N SER B 109 0.71 -15.96 5.40
CA SER B 109 0.76 -14.67 4.66
C SER B 109 0.00 -13.57 5.43
N GLY B 110 0.40 -12.32 5.21
CA GLY B 110 -0.20 -11.13 5.87
C GLY B 110 0.87 -10.20 6.42
N TRP B 111 0.60 -9.60 7.56
CA TRP B 111 1.52 -8.63 8.21
C TRP B 111 1.51 -8.85 9.72
N LYS B 112 2.63 -8.52 10.37
CA LYS B 112 2.67 -8.45 11.85
C LYS B 112 3.65 -7.41 12.33
N VAL B 113 3.41 -6.93 13.54
CA VAL B 113 4.38 -6.10 14.30
C VAL B 113 4.96 -6.99 15.40
N SER B 114 6.28 -7.08 15.43
CA SER B 114 6.97 -7.75 16.56
C SER B 114 8.03 -6.81 17.18
N LEU B 115 8.45 -7.16 18.40
CA LEU B 115 9.50 -6.50 19.20
C LEU B 115 10.65 -7.47 19.47
N ASN B 116 11.84 -6.91 19.64
CA ASN B 116 13.02 -7.58 20.24
C ASN B 116 13.80 -6.52 21.03
N TYR B 117 14.81 -6.98 21.78
CA TYR B 117 15.75 -6.10 22.48
C TYR B 117 16.16 -5.02 21.49
N GLY B 118 15.78 -3.77 21.74
CA GLY B 118 16.22 -2.63 20.91
C GLY B 118 15.59 -2.61 19.52
N GLU B 119 14.46 -3.28 19.34
CA GLU B 119 13.85 -3.39 17.97
C GLU B 119 12.32 -3.26 17.98
N ILE B 120 11.79 -2.58 16.98
CA ILE B 120 10.38 -2.71 16.50
C ILE B 120 10.44 -3.26 15.06
N ILE B 121 9.78 -4.38 14.80
CA ILE B 121 9.96 -5.12 13.51
C ILE B 121 8.61 -5.20 12.79
N TRP B 122 8.63 -4.78 11.55
CA TRP B 122 7.52 -4.96 10.59
C TRP B 122 7.84 -6.14 9.66
N THR B 123 6.89 -7.07 9.55
CA THR B 123 7.01 -8.24 8.62
C THR B 123 5.81 -8.28 7.69
N LEU B 124 6.07 -8.22 6.39
CA LEU B 124 5.13 -8.60 5.30
C LEU B 124 5.49 -10.01 4.82
N GLN B 125 4.51 -10.90 4.77
CA GLN B 125 4.67 -12.26 4.19
C GLN B 125 3.66 -12.44 3.04
N ASP B 126 4.17 -12.72 1.83
CA ASP B 126 3.32 -12.98 0.62
C ASP B 126 2.84 -14.44 0.62
N ASN B 127 1.91 -14.74 -0.28
CA ASN B 127 1.19 -16.05 -0.35
C ASN B 127 2.16 -17.19 -0.67
N LYS B 128 3.33 -16.87 -1.26
CA LYS B 128 4.43 -17.83 -1.57
C LYS B 128 5.44 -17.93 -0.39
N GLN B 129 5.07 -17.43 0.80
CA GLN B 129 5.88 -17.46 2.06
C GLN B 129 7.19 -16.66 1.93
N ASN B 130 7.40 -15.87 0.86
CA ASN B 130 8.47 -14.84 0.85
C ASN B 130 8.14 -13.81 1.95
N ILE B 131 9.19 -13.16 2.44
CA ILE B 131 9.14 -12.26 3.61
C ILE B 131 9.99 -11.05 3.29
N GLN B 132 9.53 -9.87 3.72
CA GLN B 132 10.37 -8.65 3.85
C GLN B 132 10.17 -8.09 5.27
N ARG B 133 11.28 -7.79 5.95
CA ARG B 133 11.28 -7.28 7.34
C ARG B 133 11.79 -5.85 7.24
N VAL B 134 11.15 -4.94 7.94
CA VAL B 134 11.69 -3.56 8.16
C VAL B 134 11.83 -3.38 9.67
N VAL B 135 13.02 -2.93 10.10
CA VAL B 135 13.41 -2.90 11.53
C VAL B 135 13.75 -1.46 11.91
N PHE B 136 13.11 -0.99 12.98
CA PHE B 136 13.57 0.15 13.81
C PHE B 136 14.43 -0.39 14.97
N LYS B 137 15.68 0.04 15.01
CA LYS B 137 16.67 -0.32 16.07
C LYS B 137 16.90 0.89 16.97
N TYR B 138 16.92 0.71 18.27
CA TYR B 138 17.42 1.71 19.23
C TYR B 138 18.30 1.03 20.26
N SER B 139 19.33 1.74 20.72
CA SER B 139 20.33 1.25 21.70
C SER B 139 19.80 1.44 23.13
N GLN B 140 20.03 0.47 24.02
CA GLN B 140 19.87 0.72 25.47
C GLN B 140 21.23 1.17 26.07
N MET B 141 22.22 1.53 25.25
CA MET B 141 23.54 2.02 25.72
C MET B 141 23.65 3.46 25.28
N VAL B 142 22.75 4.31 25.77
CA VAL B 142 22.78 5.75 25.47
C VAL B 142 22.58 6.48 26.78
N ASN B 143 23.12 7.68 26.86
CA ASN B 143 22.96 8.56 28.04
C ASN B 143 21.47 8.76 28.31
N ILE B 144 20.77 9.37 27.34
CA ILE B 144 19.32 9.70 27.43
C ILE B 144 18.69 9.14 26.18
N SER B 145 17.74 8.22 26.33
CA SER B 145 17.06 7.61 25.17
C SER B 145 15.77 8.37 24.87
N ASP B 146 15.58 8.68 23.59
CA ASP B 146 14.31 9.15 22.99
C ASP B 146 13.28 8.04 22.97
N TYR B 147 13.60 6.77 23.20
CA TYR B 147 12.66 5.68 22.94
C TYR B 147 12.40 4.80 24.16
N ILE B 148 13.35 4.62 25.07
CA ILE B 148 13.17 3.57 26.10
C ILE B 148 12.10 4.03 27.08
N ASN B 149 11.05 3.23 27.23
CA ASN B 149 9.94 3.47 28.18
C ASN B 149 9.23 4.80 27.93
N ARG B 150 9.39 5.38 26.74
CA ARG B 150 8.69 6.64 26.35
C ARG B 150 7.68 6.35 25.22
N TRP B 151 6.58 7.08 25.20
CA TRP B 151 5.56 6.92 24.12
C TRP B 151 6.22 7.26 22.78
N ILE B 152 6.13 6.34 21.83
CA ILE B 152 6.71 6.45 20.45
C ILE B 152 5.52 6.42 19.50
N PHE B 153 5.50 7.25 18.47
CA PHE B 153 4.46 7.20 17.41
C PHE B 153 5.01 6.44 16.22
N VAL B 154 4.48 5.24 15.97
CA VAL B 154 4.91 4.32 14.89
C VAL B 154 3.97 4.48 13.70
N THR B 155 4.54 4.67 12.51
CA THR B 155 3.76 4.63 11.24
C THR B 155 4.49 3.75 10.24
N ILE B 156 3.81 2.75 9.71
CA ILE B 156 4.32 1.81 8.66
C ILE B 156 3.44 1.95 7.43
N THR B 157 4.05 2.30 6.29
CA THR B 157 3.35 2.52 4.98
C THR B 157 3.84 1.42 4.03
N ASN B 158 2.99 0.94 3.13
CA ASN B 158 3.28 -0.19 2.21
C ASN B 158 2.66 0.09 0.84
N ASN B 159 3.48 -0.01 -0.19
CA ASN B 159 3.09 0.18 -1.61
C ASN B 159 3.76 -0.95 -2.39
N ARG B 160 2.99 -1.95 -2.81
CA ARG B 160 3.51 -3.18 -3.46
C ARG B 160 4.50 -2.84 -4.60
N LEU B 161 4.39 -1.70 -5.27
CA LEU B 161 5.29 -1.32 -6.38
C LEU B 161 6.60 -0.68 -5.88
N THR B 162 6.67 -0.22 -4.62
CA THR B 162 7.90 0.49 -4.12
C THR B 162 8.41 -0.20 -2.84
N LYS B 163 8.03 0.33 -1.67
CA LYS B 163 8.69 0.03 -0.37
C LYS B 163 7.66 -0.12 0.76
N SER B 164 8.06 -0.91 1.76
CA SER B 164 7.56 -0.88 3.15
C SER B 164 8.44 0.12 3.94
N LYS B 165 7.81 1.06 4.65
CA LYS B 165 8.52 2.19 5.30
C LYS B 165 8.10 2.28 6.76
N ILE B 166 9.07 2.48 7.64
CA ILE B 166 8.80 2.69 9.09
C ILE B 166 9.21 4.12 9.46
N TYR B 167 8.21 4.86 9.96
CA TYR B 167 8.37 6.21 10.51
C TYR B 167 8.26 6.11 12.03
N ILE B 168 9.09 6.91 12.69
CA ILE B 168 9.10 6.98 14.18
C ILE B 168 8.93 8.43 14.54
N ASN B 169 7.87 8.74 15.28
CA ASN B 169 7.51 10.13 15.63
C ASN B 169 7.54 10.96 14.35
N GLY B 170 6.93 10.48 13.26
CA GLY B 170 6.68 11.27 12.05
C GLY B 170 7.88 11.35 11.14
N ARG B 171 8.98 10.69 11.48
CA ARG B 171 10.23 10.74 10.66
C ARG B 171 10.52 9.35 10.09
N LEU B 172 10.87 9.30 8.79
CA LEU B 172 11.21 8.06 8.06
C LEU B 172 12.49 7.50 8.66
N ILE B 173 12.47 6.28 9.17
CA ILE B 173 13.65 5.70 9.86
C ILE B 173 14.30 4.67 8.94
N ASP B 174 13.51 3.83 8.29
CA ASP B 174 14.04 2.69 7.51
C ASP B 174 12.98 2.30 6.48
N GLN B 175 13.44 1.65 5.40
CA GLN B 175 12.58 1.21 4.29
C GLN B 175 13.24 0.03 3.58
N LYS B 176 12.43 -0.82 2.96
CA LYS B 176 12.90 -2.00 2.20
C LYS B 176 12.06 -2.13 0.95
N PRO B 177 12.65 -2.49 -0.21
CA PRO B 177 11.90 -2.92 -1.39
C PRO B 177 10.91 -4.06 -1.08
N ILE B 178 9.66 -3.95 -1.56
CA ILE B 178 8.67 -5.07 -1.56
C ILE B 178 8.14 -5.30 -2.99
N SER B 179 8.74 -4.67 -4.01
CA SER B 179 8.36 -4.78 -5.45
C SER B 179 8.43 -6.25 -5.91
N ASN B 180 9.35 -7.01 -5.30
CA ASN B 180 9.60 -8.44 -5.58
C ASN B 180 8.56 -9.32 -4.88
N LEU B 181 7.89 -8.88 -3.80
CA LEU B 181 6.87 -9.71 -3.10
C LEU B 181 5.69 -10.00 -4.04
N GLY B 182 4.99 -11.10 -3.78
CA GLY B 182 3.75 -11.44 -4.48
C GLY B 182 2.56 -10.93 -3.71
N ASN B 183 1.39 -11.51 -3.94
CA ASN B 183 0.12 -11.10 -3.28
C ASN B 183 0.27 -11.37 -1.79
N ILE B 184 -0.20 -10.43 -0.97
CA ILE B 184 -0.29 -10.51 0.51
C ILE B 184 -1.70 -10.96 0.85
N HIS B 185 -1.88 -12.12 1.50
CA HIS B 185 -3.21 -12.66 1.89
C HIS B 185 -3.91 -11.70 2.87
N ALA B 186 -5.08 -11.22 2.47
CA ALA B 186 -5.98 -10.36 3.27
C ALA B 186 -6.72 -11.25 4.27
N SER B 187 -6.66 -10.89 5.54
CA SER B 187 -7.26 -11.64 6.68
C SER B 187 -8.23 -10.69 7.39
N ASN B 188 -9.25 -11.27 7.99
CA ASN B 188 -10.34 -10.60 8.74
C ASN B 188 -9.86 -10.15 10.13
N LYS B 189 -8.85 -10.84 10.68
CA LYS B 189 -8.55 -10.94 12.13
C LYS B 189 -7.20 -10.30 12.47
N ILE B 190 -7.19 -9.38 13.44
CA ILE B 190 -5.95 -8.74 13.99
C ILE B 190 -5.85 -9.16 15.45
N MET B 191 -4.82 -9.92 15.83
CA MET B 191 -4.58 -10.31 17.24
C MET B 191 -3.48 -9.42 17.89
N PHE B 192 -3.88 -8.61 18.87
CA PHE B 192 -3.00 -7.84 19.78
C PHE B 192 -2.66 -8.68 21.01
N LYS B 193 -1.43 -9.17 21.07
CA LYS B 193 -1.04 -10.13 22.14
C LYS B 193 0.48 -10.32 22.11
N LEU B 194 1.08 -10.48 23.28
CA LEU B 194 2.50 -10.87 23.37
C LEU B 194 2.59 -12.36 23.06
N ASP B 195 3.27 -12.69 21.97
CA ASP B 195 3.29 -14.05 21.39
C ASP B 195 4.75 -14.47 21.17
N GLY B 196 5.24 -15.43 21.95
CA GLY B 196 6.61 -15.97 21.82
C GLY B 196 7.59 -15.24 22.71
N CYS B 197 7.08 -14.55 23.75
CA CYS B 197 7.95 -13.73 24.64
C CYS B 197 8.38 -14.58 25.85
N ARG B 198 9.67 -14.88 25.95
CA ARG B 198 10.19 -15.81 26.99
C ARG B 198 10.24 -15.13 28.36
N ASP B 199 10.12 -13.80 28.47
CA ASP B 199 10.17 -13.10 29.78
C ASP B 199 8.76 -12.86 30.30
N PRO B 200 8.36 -13.53 31.41
CA PRO B 200 6.99 -13.42 31.91
C PRO B 200 6.60 -12.05 32.47
N ARG B 201 7.58 -11.16 32.63
CA ARG B 201 7.38 -9.81 33.22
C ARG B 201 7.16 -8.75 32.13
N ARG B 202 7.50 -9.07 30.86
CA ARG B 202 7.41 -8.09 29.75
C ARG B 202 5.95 -7.67 29.58
N TYR B 203 5.76 -6.40 29.31
CA TYR B 203 4.47 -5.84 28.86
C TYR B 203 4.77 -4.75 27.82
N ILE B 204 3.69 -4.21 27.25
CA ILE B 204 3.74 -3.02 26.36
C ILE B 204 2.55 -2.17 26.75
N MET B 205 2.56 -0.92 26.34
CA MET B 205 1.37 -0.06 26.34
C MET B 205 1.23 0.51 24.94
N ILE B 206 0.00 0.58 24.47
CA ILE B 206 -0.34 0.92 23.05
C ILE B 206 -1.56 1.84 23.10
N LYS B 207 -1.62 2.83 22.21
CA LYS B 207 -2.84 3.67 22.11
C LYS B 207 -3.07 4.07 20.65
N TYR B 208 -4.33 4.24 20.30
CA TYR B 208 -4.82 4.77 19.00
C TYR B 208 -4.34 3.92 17.83
N PHE B 209 -4.56 2.60 17.87
CA PHE B 209 -4.24 1.74 16.72
C PHE B 209 -5.15 2.12 15.53
N ASN B 210 -4.53 2.42 14.39
CA ASN B 210 -5.22 2.81 13.13
C ASN B 210 -4.69 1.94 11.97
N LEU B 211 -5.62 1.49 11.12
CA LEU B 211 -5.32 0.83 9.82
C LEU B 211 -5.88 1.74 8.72
N PHE B 212 -5.06 2.09 7.73
CA PHE B 212 -5.41 2.88 6.53
C PHE B 212 -5.29 2.01 5.27
N ASP B 213 -6.22 2.20 4.33
CA ASP B 213 -6.29 1.47 3.04
C ASP B 213 -5.58 2.31 1.98
N LYS B 214 -4.56 3.06 2.38
CA LYS B 214 -3.62 3.75 1.46
C LYS B 214 -2.18 3.78 2.01
N GLU B 215 -1.23 4.16 1.16
CA GLU B 215 0.15 4.52 1.55
C GLU B 215 0.13 5.99 1.98
N LEU B 216 0.22 6.28 3.28
CA LEU B 216 0.29 7.68 3.78
C LEU B 216 1.63 8.29 3.35
N ASN B 217 1.61 9.54 2.88
CA ASN B 217 2.83 10.31 2.52
C ASN B 217 3.36 11.02 3.77
N GLU B 218 4.54 11.65 3.65
CA GLU B 218 5.24 12.36 4.74
C GLU B 218 4.29 13.36 5.43
N LYS B 219 3.62 14.21 4.65
CA LYS B 219 2.75 15.30 5.21
C LYS B 219 1.61 14.68 6.04
N GLU B 220 0.92 13.66 5.51
CA GLU B 220 -0.19 12.99 6.22
C GLU B 220 0.32 12.30 7.49
N ILE B 221 1.53 11.75 7.50
CA ILE B 221 2.11 11.11 8.73
C ILE B 221 2.38 12.22 9.78
N LYS B 222 2.98 13.34 9.35
CA LYS B 222 3.19 14.55 10.19
C LYS B 222 1.85 15.02 10.80
N ASP B 223 0.83 15.24 9.95
CA ASP B 223 -0.50 15.72 10.41
C ASP B 223 -1.09 14.70 11.39
N LEU B 224 -0.95 13.42 11.08
CA LEU B 224 -1.52 12.35 11.96
C LEU B 224 -0.84 12.37 13.35
N TYR B 225 0.47 12.58 13.35
CA TYR B 225 1.32 12.65 14.58
C TYR B 225 0.93 13.89 15.40
N ASP B 226 0.95 15.08 14.79
CA ASP B 226 0.59 16.36 15.46
C ASP B 226 -0.82 16.24 16.06
N SER B 227 -1.80 15.71 15.31
CA SER B 227 -3.21 15.71 15.72
C SER B 227 -3.46 14.71 16.86
N GLN B 228 -2.64 13.66 17.00
CA GLN B 228 -2.89 12.60 18.01
C GLN B 228 -2.11 12.89 19.30
N SER B 229 -1.25 13.91 19.27
CA SER B 229 -0.38 14.31 20.39
C SER B 229 -1.12 15.06 21.50
N ASN B 230 -2.40 15.42 21.35
CA ASN B 230 -3.16 16.28 22.31
C ASN B 230 -2.28 17.46 22.73
N SER B 231 -1.89 18.31 21.77
CA SER B 231 -0.90 19.43 21.92
C SER B 231 -1.31 20.47 23.00
N GLY B 232 -2.55 20.43 23.48
CA GLY B 232 -3.05 21.39 24.48
C GLY B 232 -2.76 20.90 25.88
N ILE B 233 -2.31 19.66 26.02
CA ILE B 233 -1.93 19.08 27.34
C ILE B 233 -0.41 18.93 27.36
N LEU B 234 0.24 19.39 28.43
CA LEU B 234 1.71 19.26 28.57
C LEU B 234 2.04 17.80 28.90
N LYS B 235 3.19 17.34 28.43
CA LYS B 235 3.64 15.94 28.69
C LYS B 235 4.84 15.95 29.62
N ASP B 236 4.91 14.91 30.45
CA ASP B 236 6.14 14.51 31.18
C ASP B 236 7.09 13.77 30.21
N PHE B 237 8.26 13.41 30.69
CA PHE B 237 9.40 12.85 29.90
C PHE B 237 8.93 11.57 29.19
N TRP B 238 8.16 10.73 29.88
CA TRP B 238 7.64 9.45 29.35
C TRP B 238 6.56 9.67 28.27
N GLY B 239 6.05 10.91 28.11
CA GLY B 239 4.97 11.25 27.16
C GLY B 239 3.59 11.15 27.80
N ASN B 240 3.49 10.78 29.08
CA ASN B 240 2.23 10.87 29.85
C ASN B 240 1.91 12.32 30.19
N TYR B 241 0.65 12.55 30.56
CA TYR B 241 0.10 13.89 30.89
C TYR B 241 0.93 14.47 32.04
N LEU B 242 1.40 15.70 31.86
CA LEU B 242 1.99 16.44 32.99
C LEU B 242 0.90 16.67 34.04
N GLN B 243 1.22 16.46 35.31
CA GLN B 243 0.25 16.58 36.44
C GLN B 243 0.68 17.62 37.48
N TYR B 244 -0.32 18.22 38.14
CA TYR B 244 -0.18 19.03 39.38
C TYR B 244 0.13 18.07 40.53
N ASP B 245 0.90 18.54 41.51
CA ASP B 245 1.13 17.86 42.81
C ASP B 245 1.85 16.53 42.59
N LYS B 246 2.77 16.48 41.62
CA LYS B 246 3.51 15.24 41.31
C LYS B 246 4.99 15.62 41.22
N PRO B 247 5.86 15.04 42.06
CA PRO B 247 7.29 15.37 42.07
C PRO B 247 7.98 14.97 40.76
N TYR B 248 8.67 15.92 40.16
CA TYR B 248 9.43 15.74 38.89
C TYR B 248 10.92 16.05 39.11
N TYR B 249 11.78 15.15 38.65
CA TYR B 249 13.20 15.47 38.42
C TYR B 249 13.28 16.22 37.09
N MET B 250 14.13 17.23 37.00
CA MET B 250 14.22 18.13 35.84
C MET B 250 15.42 17.75 34.96
N LEU B 251 15.19 17.83 33.65
CA LEU B 251 16.20 17.60 32.60
C LEU B 251 16.12 18.82 31.69
N ASN B 252 17.22 19.54 31.60
CA ASN B 252 17.41 20.65 30.66
C ASN B 252 17.91 20.06 29.34
N LEU B 253 17.20 20.31 28.24
CA LEU B 253 17.49 19.66 26.93
C LEU B 253 18.71 20.30 26.29
N PHE B 254 19.07 21.52 26.65
CA PHE B 254 20.30 22.14 26.14
C PHE B 254 21.50 21.37 26.72
N ASP B 255 21.41 20.94 27.98
CA ASP B 255 22.54 20.28 28.70
C ASP B 255 22.00 19.10 29.48
N PRO B 256 21.70 17.96 28.84
CA PRO B 256 21.02 16.86 29.50
C PRO B 256 21.96 16.10 30.43
N ASN B 257 23.26 16.39 30.37
CA ASN B 257 24.19 15.72 31.31
C ASN B 257 24.24 16.53 32.62
N LYS B 258 23.31 17.43 32.88
CA LYS B 258 23.27 18.17 34.17
C LYS B 258 21.95 17.93 34.87
N TYR B 259 21.94 18.18 36.18
CA TYR B 259 20.71 18.12 36.99
C TYR B 259 20.67 19.39 37.83
N VAL B 260 19.50 19.66 38.39
CA VAL B 260 19.26 20.91 39.17
C VAL B 260 19.57 20.65 40.63
N ASP B 261 20.19 21.62 41.27
CA ASP B 261 20.39 21.65 42.73
C ASP B 261 20.10 23.06 43.26
N VAL B 262 19.85 23.15 44.56
CA VAL B 262 19.59 24.41 45.28
C VAL B 262 20.79 24.75 46.15
N ASN B 263 21.25 25.98 46.07
CA ASN B 263 22.34 26.48 46.92
C ASN B 263 21.75 27.50 47.88
N ASN B 264 21.35 27.05 49.06
CA ASN B 264 20.74 27.89 50.13
C ASN B 264 19.26 28.20 49.81
N ILE B 265 18.45 28.22 50.86
CA ILE B 265 17.08 28.78 50.91
C ILE B 265 17.15 30.31 51.01
N GLY B 266 16.26 31.00 50.32
CA GLY B 266 16.06 32.44 50.44
C GLY B 266 16.53 33.12 49.20
N ILE B 267 16.36 34.43 49.18
CA ILE B 267 16.52 35.32 48.01
C ILE B 267 18.01 35.53 47.76
N ARG B 268 18.86 35.17 48.72
CA ARG B 268 20.34 35.20 48.53
C ARG B 268 20.86 33.81 48.09
N GLY B 269 19.98 32.80 48.04
CA GLY B 269 20.31 31.48 47.47
C GLY B 269 20.02 31.45 45.99
N TYR B 270 20.30 30.34 45.33
CA TYR B 270 20.12 30.20 43.87
C TYR B 270 19.98 28.72 43.53
N MET B 271 19.57 28.44 42.31
CA MET B 271 19.44 27.07 41.77
C MET B 271 20.43 26.98 40.63
N TYR B 272 20.94 25.80 40.34
CA TYR B 272 22.02 25.69 39.35
C TYR B 272 22.04 24.28 38.80
N LEU B 273 22.59 24.20 37.61
CA LEU B 273 22.86 22.93 36.92
C LEU B 273 24.23 22.42 37.37
N LYS B 274 24.32 21.15 37.68
CA LYS B 274 25.59 20.49 38.03
C LYS B 274 25.59 19.10 37.44
N GLY B 275 26.77 18.56 37.24
CA GLY B 275 26.93 17.29 36.54
C GLY B 275 28.36 16.83 36.65
N PRO B 276 28.68 15.67 36.03
CA PRO B 276 27.69 14.97 35.21
C PRO B 276 26.70 14.14 36.05
N ARG B 277 25.69 13.65 35.37
CA ARG B 277 24.73 12.69 35.95
C ARG B 277 25.48 11.38 36.23
N GLY B 278 24.97 10.59 37.15
CA GLY B 278 25.37 9.21 37.41
C GLY B 278 24.98 8.30 36.25
N SER B 279 25.19 7.00 36.44
CA SER B 279 24.93 5.97 35.41
C SER B 279 24.29 4.77 36.08
N VAL B 280 23.34 4.13 35.38
CA VAL B 280 22.71 2.83 35.78
C VAL B 280 23.18 1.79 34.75
N VAL B 281 23.66 0.63 35.20
CA VAL B 281 24.27 -0.34 34.25
C VAL B 281 23.83 -1.75 34.63
N THR B 282 23.57 -2.56 33.62
CA THR B 282 23.53 -4.05 33.69
C THR B 282 24.35 -4.49 32.48
N THR B 283 25.56 -5.02 32.68
CA THR B 283 26.54 -5.29 31.59
C THR B 283 25.83 -5.95 30.40
N ASN B 284 26.08 -5.48 29.17
CA ASN B 284 25.49 -6.01 27.91
C ASN B 284 23.96 -5.86 27.81
N ILE B 285 23.27 -5.19 28.73
CA ILE B 285 21.79 -4.97 28.59
C ILE B 285 21.49 -3.47 28.42
N TYR B 286 21.97 -2.65 29.37
CA TYR B 286 21.82 -1.17 29.31
C TYR B 286 22.92 -0.46 30.10
N LEU B 287 23.19 0.76 29.66
CA LEU B 287 24.08 1.74 30.30
C LEU B 287 23.49 3.11 29.98
N ASN B 288 22.84 3.72 30.97
CA ASN B 288 22.10 5.00 30.80
C ASN B 288 22.48 5.98 31.91
N SER B 289 22.35 7.27 31.64
CA SER B 289 22.39 8.32 32.70
C SER B 289 21.26 8.06 33.72
N THR B 290 21.55 8.30 34.99
CA THR B 290 20.52 8.34 36.06
C THR B 290 19.58 9.52 35.81
N LEU B 291 18.28 9.31 35.94
CA LEU B 291 17.25 10.33 35.68
C LEU B 291 16.75 10.86 37.01
N TYR B 292 16.82 10.08 38.09
CA TYR B 292 16.24 10.46 39.40
C TYR B 292 17.31 11.17 40.23
N GLU B 293 17.87 12.25 39.71
CA GLU B 293 18.92 13.06 40.36
C GLU B 293 18.40 14.50 40.52
N GLY B 294 18.77 15.16 41.61
CA GLY B 294 18.62 16.61 41.73
C GLY B 294 17.34 17.01 42.44
N THR B 295 17.14 18.30 42.56
CA THR B 295 15.97 18.92 43.23
C THR B 295 14.69 18.55 42.48
N LYS B 296 13.71 18.02 43.19
CA LYS B 296 12.39 17.72 42.58
C LYS B 296 11.61 19.03 42.49
N PHE B 297 10.93 19.24 41.37
CA PHE B 297 9.93 20.32 41.15
C PHE B 297 8.54 19.75 41.29
N ILE B 298 7.64 20.54 41.88
CA ILE B 298 6.20 20.18 42.00
C ILE B 298 5.39 21.32 41.40
N ILE B 299 4.48 21.00 40.48
CA ILE B 299 3.65 22.04 39.83
C ILE B 299 2.41 22.25 40.72
N LYS B 300 2.17 23.50 41.10
CA LYS B 300 1.08 23.87 42.04
C LYS B 300 0.02 24.71 41.32
N LYS B 301 -1.23 24.48 41.72
CA LYS B 301 -2.43 25.16 41.17
C LYS B 301 -2.41 26.65 41.57
N TYR B 302 -2.60 27.53 40.61
CA TYR B 302 -2.85 28.96 40.87
C TYR B 302 -4.17 29.29 40.13
N ALA B 303 -4.12 29.48 38.82
CA ALA B 303 -5.24 29.96 37.98
C ALA B 303 -6.20 28.82 37.65
N SER B 304 -5.81 27.56 37.81
CA SER B 304 -6.69 26.40 37.49
C SER B 304 -7.28 25.85 38.81
N GLY B 305 -8.48 25.26 38.74
CA GLY B 305 -9.19 24.63 39.86
C GLY B 305 -9.72 23.26 39.49
N ASP B 308 -9.59 18.43 37.80
CA ASP B 308 -8.60 17.33 37.60
C ASP B 308 -7.18 17.85 37.79
N ASN B 309 -6.21 16.94 37.78
CA ASN B 309 -4.81 17.27 38.14
C ASN B 309 -3.94 17.39 36.90
N ILE B 310 -4.47 17.80 35.74
CA ILE B 310 -3.71 17.80 34.46
C ILE B 310 -3.27 19.23 34.12
N VAL B 311 -2.03 19.38 33.71
CA VAL B 311 -1.46 20.71 33.36
C VAL B 311 -1.68 20.94 31.87
N ARG B 312 -2.32 22.06 31.50
CA ARG B 312 -2.70 22.33 30.09
C ARG B 312 -1.88 23.50 29.65
N ASN B 313 -1.71 23.64 28.33
CA ASN B 313 -1.03 24.80 27.70
C ASN B 313 -1.65 26.07 28.27
N ASN B 314 -0.81 27.06 28.61
CA ASN B 314 -1.21 28.40 29.14
C ASN B 314 -1.77 28.33 30.58
N ASP B 315 -1.76 27.18 31.27
CA ASP B 315 -2.07 27.16 32.73
C ASP B 315 -1.09 28.08 33.48
N ARG B 316 -1.59 28.92 34.38
CA ARG B 316 -0.80 29.82 35.24
C ARG B 316 -0.63 29.09 36.57
N VAL B 317 0.64 28.81 36.93
CA VAL B 317 0.95 27.92 38.08
C VAL B 317 1.95 28.58 39.03
N TYR B 318 2.15 27.90 40.16
CA TYR B 318 3.38 28.03 40.98
C TYR B 318 4.27 26.80 40.75
N ILE B 319 5.57 26.98 40.97
CA ILE B 319 6.55 25.86 41.02
C ILE B 319 7.06 25.81 42.44
N ASN B 320 6.89 24.67 43.10
CA ASN B 320 7.59 24.37 44.36
C ASN B 320 8.83 23.54 44.03
N VAL B 321 9.78 23.56 44.96
CA VAL B 321 11.10 22.89 44.86
C VAL B 321 11.33 22.18 46.19
N VAL B 322 11.70 20.92 46.14
CA VAL B 322 11.91 20.10 47.35
C VAL B 322 13.41 20.11 47.67
N VAL B 323 13.74 20.61 48.86
CA VAL B 323 15.10 20.61 49.46
C VAL B 323 15.01 19.89 50.82
N LYS B 324 15.67 18.74 50.90
CA LYS B 324 15.65 17.84 52.10
C LYS B 324 14.20 17.72 52.57
N ASN B 325 13.33 17.22 51.71
CA ASN B 325 11.95 16.76 52.05
C ASN B 325 11.10 17.90 52.60
N LYS B 326 11.40 19.14 52.22
CA LYS B 326 10.57 20.32 52.56
C LYS B 326 10.33 21.06 51.24
N GLU B 327 9.16 21.69 51.08
CA GLU B 327 8.82 22.44 49.86
C GLU B 327 9.12 23.93 50.04
N TYR B 328 9.62 24.58 48.99
CA TYR B 328 9.93 26.02 48.89
C TYR B 328 9.38 26.51 47.57
N ARG B 329 9.23 27.82 47.40
CA ARG B 329 8.58 28.42 46.22
C ARG B 329 9.66 28.97 45.30
N LEU B 330 9.60 28.56 44.04
CA LEU B 330 10.46 29.15 43.01
C LEU B 330 10.02 30.61 42.86
N ALA B 331 10.94 31.58 42.99
CA ALA B 331 10.60 33.02 42.88
C ALA B 331 11.79 33.87 42.47
N THR B 332 11.54 35.10 42.07
CA THR B 332 12.64 36.07 41.85
C THR B 332 12.16 37.49 42.12
N ASN B 333 13.11 38.41 42.29
CA ASN B 333 12.89 39.86 42.15
C ASN B 333 13.15 40.33 40.70
N ALA B 334 12.10 40.75 39.99
CA ALA B 334 12.15 41.19 38.58
C ALA B 334 12.98 42.45 38.44
N SER B 335 13.16 43.20 39.52
CA SER B 335 13.86 44.52 39.47
C SER B 335 15.38 44.34 39.55
N GLN B 336 15.90 43.15 39.81
CA GLN B 336 17.38 43.00 39.79
C GLN B 336 17.85 43.49 38.41
N ALA B 337 19.02 44.13 38.34
CA ALA B 337 19.62 44.62 37.08
C ALA B 337 19.87 43.44 36.12
N GLY B 338 19.70 43.69 34.83
CA GLY B 338 19.94 42.70 33.76
C GLY B 338 18.65 42.03 33.32
N VAL B 339 18.62 41.51 32.09
CA VAL B 339 17.49 40.71 31.56
C VAL B 339 17.32 39.48 32.46
N GLU B 340 18.42 38.80 32.76
CA GLU B 340 18.38 37.51 33.52
C GLU B 340 17.96 37.83 34.96
N LYS B 341 16.93 37.14 35.44
CA LYS B 341 16.52 37.20 36.85
C LYS B 341 16.84 35.84 37.47
N ILE B 342 17.85 35.85 38.33
CA ILE B 342 18.28 34.67 39.11
C ILE B 342 17.10 34.21 39.97
N LEU B 343 16.77 32.93 39.87
CA LEU B 343 15.69 32.31 40.65
C LEU B 343 16.19 31.88 42.02
N SER B 344 15.28 31.86 43.00
CA SER B 344 15.59 31.45 44.39
C SER B 344 14.51 30.50 44.85
N ALA B 345 14.81 29.71 45.87
CA ALA B 345 13.84 28.84 46.56
C ALA B 345 13.49 29.55 47.87
N LEU B 346 12.27 30.07 48.01
CA LEU B 346 11.89 30.87 49.20
C LEU B 346 10.99 30.03 50.10
N GLU B 347 11.08 30.26 51.41
CA GLU B 347 10.03 29.83 52.38
C GLU B 347 8.71 30.37 51.82
N ILE B 348 7.70 29.50 51.77
CA ILE B 348 6.41 29.86 51.11
C ILE B 348 5.85 31.10 51.79
N PRO B 349 5.79 31.20 53.14
CA PRO B 349 5.32 32.43 53.79
C PRO B 349 6.00 33.75 53.35
N ASP B 350 7.24 33.69 52.86
CA ASP B 350 8.09 34.91 52.76
C ASP B 350 8.16 35.42 51.31
N VAL B 351 7.37 34.90 50.39
CA VAL B 351 7.49 35.32 48.97
C VAL B 351 7.03 36.77 48.82
N GLY B 352 6.10 37.22 49.67
CA GLY B 352 5.57 38.60 49.58
C GLY B 352 5.24 38.94 48.17
N ASN B 353 5.73 40.07 47.66
CA ASN B 353 5.41 40.50 46.28
C ASN B 353 6.50 40.08 45.28
N LEU B 354 7.32 39.07 45.59
CA LEU B 354 8.25 38.52 44.54
C LEU B 354 7.47 37.84 43.39
N SER B 355 7.93 38.00 42.15
CA SER B 355 7.44 37.30 40.93
C SER B 355 7.59 35.77 41.10
N GLN B 356 6.51 35.01 40.91
CA GLN B 356 6.54 33.54 41.05
C GLN B 356 5.54 32.82 40.12
N VAL B 357 4.68 33.56 39.41
CA VAL B 357 3.60 32.94 38.62
C VAL B 357 4.24 32.56 37.28
N VAL B 358 4.06 31.29 36.93
CA VAL B 358 4.66 30.66 35.72
C VAL B 358 3.54 30.23 34.76
N VAL B 359 3.63 30.68 33.52
CA VAL B 359 2.80 30.18 32.40
C VAL B 359 3.48 28.92 31.83
N MET B 360 2.82 27.78 31.96
CA MET B 360 3.20 26.48 31.36
C MET B 360 2.83 26.47 29.86
N LYS B 361 3.79 26.28 28.96
CA LYS B 361 3.63 26.28 27.47
C LYS B 361 4.04 24.91 26.89
N SER B 362 3.30 24.39 25.90
CA SER B 362 3.61 23.13 25.14
C SER B 362 3.94 23.42 23.67
N CYS B 372 8.73 20.99 27.24
CA CYS B 372 8.01 22.01 28.05
C CYS B 372 8.79 23.32 28.17
N LYS B 373 8.07 24.32 28.66
CA LYS B 373 8.53 25.71 28.77
C LYS B 373 7.76 26.32 29.94
N MET B 374 8.44 27.20 30.66
CA MET B 374 7.89 27.89 31.85
C MET B 374 8.17 29.38 31.68
N ASN B 375 7.13 30.18 31.45
CA ASN B 375 7.27 31.64 31.25
C ASN B 375 6.93 32.32 32.58
N LEU B 376 7.93 32.83 33.29
CA LEU B 376 7.69 33.53 34.58
C LEU B 376 6.99 34.86 34.30
N GLN B 377 6.09 35.27 35.19
CA GLN B 377 5.35 36.55 35.07
C GLN B 377 5.54 37.38 36.36
N ASP B 378 5.46 38.72 36.28
CA ASP B 378 5.35 39.56 37.51
C ASP B 378 3.87 39.60 37.96
N ASN B 379 3.60 40.29 39.07
CA ASN B 379 2.25 40.35 39.69
C ASN B 379 1.37 41.34 38.92
N ASN B 380 1.82 41.82 37.76
CA ASN B 380 1.06 42.68 36.83
C ASN B 380 0.79 41.95 35.50
N GLY B 381 1.06 40.63 35.43
CA GLY B 381 0.86 39.82 34.22
C GLY B 381 1.88 40.08 33.11
N ASN B 382 2.92 40.88 33.34
CA ASN B 382 4.01 41.09 32.34
C ASN B 382 4.97 39.89 32.37
N ASP B 383 5.44 39.47 31.20
CA ASP B 383 6.44 38.39 31.07
C ASP B 383 7.74 38.81 31.78
N ILE B 384 8.25 37.98 32.67
CA ILE B 384 9.64 38.15 33.21
C ILE B 384 10.57 37.33 32.31
N GLY B 385 10.06 36.24 31.76
CA GLY B 385 10.79 35.49 30.73
C GLY B 385 10.76 34.00 30.97
N PHE B 386 11.16 33.24 29.95
CA PHE B 386 11.24 31.77 30.04
C PHE B 386 12.29 31.38 31.09
N ILE B 387 11.97 30.36 31.85
CA ILE B 387 12.93 29.83 32.85
C ILE B 387 13.98 29.01 32.10
N GLY B 388 15.24 29.43 32.18
CA GLY B 388 16.39 28.66 31.65
C GLY B 388 17.59 28.79 32.57
N PHE B 389 18.76 29.09 32.02
CA PHE B 389 20.00 29.21 32.82
C PHE B 389 20.90 30.27 32.18
N HIS B 390 21.80 30.79 32.99
CA HIS B 390 22.83 31.76 32.56
C HIS B 390 24.11 31.49 33.32
N LEU B 391 25.25 31.55 32.64
CA LEU B 391 26.59 31.29 33.24
C LEU B 391 27.02 32.52 34.01
N TYR B 392 27.29 32.37 35.30
CA TYR B 392 27.86 33.41 36.19
C TYR B 392 29.14 32.85 36.78
N ASP B 393 30.31 33.19 36.24
CA ASP B 393 31.63 32.72 36.76
C ASP B 393 31.63 31.19 36.82
N ASN B 394 31.31 30.55 35.71
CA ASN B 394 31.27 29.07 35.59
C ASN B 394 30.19 28.42 36.50
N ILE B 395 29.17 29.16 36.96
CA ILE B 395 27.97 28.53 37.58
C ILE B 395 26.77 28.83 36.69
N ALA B 396 26.15 27.78 36.15
CA ALA B 396 24.91 27.89 35.36
C ALA B 396 23.74 28.03 36.34
N LYS B 397 23.44 29.26 36.72
CA LYS B 397 22.30 29.51 37.65
C LYS B 397 20.99 29.54 36.85
N LEU B 398 19.91 29.00 37.41
CA LEU B 398 18.57 29.05 36.78
C LEU B 398 18.08 30.50 36.80
N VAL B 399 17.61 30.99 35.65
CA VAL B 399 17.19 32.41 35.50
C VAL B 399 15.87 32.46 34.75
N ALA B 400 15.17 33.59 34.83
CA ALA B 400 14.06 33.91 33.92
C ALA B 400 14.56 35.05 33.04
N SER B 401 14.51 34.90 31.72
CA SER B 401 15.05 35.91 30.77
C SER B 401 14.13 36.06 29.56
N ASN B 402 13.75 37.29 29.24
CA ASN B 402 12.95 37.62 28.03
C ASN B 402 13.86 37.54 26.81
N TRP B 403 15.18 37.46 26.99
CA TRP B 403 16.13 37.21 25.87
C TRP B 403 15.66 35.98 25.09
N TYR B 404 15.24 34.95 25.84
CA TYR B 404 14.69 33.68 25.32
C TYR B 404 13.42 33.95 24.50
N ASN B 405 12.53 34.77 25.06
CA ASN B 405 11.20 35.09 24.49
C ASN B 405 11.39 35.80 23.14
N ARG B 406 12.40 36.66 23.03
CA ARG B 406 12.74 37.42 21.80
C ARG B 406 13.65 36.59 20.87
N GLN B 407 13.64 35.26 20.93
CA GLN B 407 14.40 34.36 20.02
C GLN B 407 13.45 33.53 19.16
N THR B 414 19.09 24.31 21.18
CA THR B 414 17.64 24.23 21.47
C THR B 414 17.27 25.24 22.57
N PHE B 415 18.24 26.02 23.08
CA PHE B 415 18.09 27.06 24.14
C PHE B 415 17.94 26.40 25.53
N GLY B 416 18.46 27.11 26.54
CA GLY B 416 18.44 26.66 27.94
C GLY B 416 17.06 26.66 28.55
N CYS B 417 16.03 27.12 27.81
CA CYS B 417 14.62 27.22 28.30
C CYS B 417 13.83 25.96 27.98
N SER B 418 14.47 24.96 27.40
CA SER B 418 13.82 23.69 27.03
C SER B 418 14.02 22.70 28.18
N TRP B 419 12.95 22.14 28.72
CA TRP B 419 13.01 21.22 29.88
C TRP B 419 12.13 20.00 29.65
N GLU B 420 12.46 18.90 30.31
CA GLU B 420 11.51 17.79 30.56
C GLU B 420 11.36 17.58 32.05
N PHE B 421 10.18 17.14 32.44
CA PHE B 421 9.77 16.78 33.82
C PHE B 421 9.75 15.28 33.90
N ILE B 422 10.54 14.69 34.79
CA ILE B 422 10.70 13.21 34.84
C ILE B 422 10.21 12.70 36.19
N PRO B 423 9.06 12.00 36.25
CA PRO B 423 8.64 11.34 37.48
C PRO B 423 9.18 9.91 37.52
N VAL B 424 9.15 9.30 38.70
CA VAL B 424 9.49 7.87 38.87
C VAL B 424 8.49 7.07 38.03
N ASP B 425 8.95 6.04 37.31
CA ASP B 425 8.12 5.17 36.44
C ASP B 425 8.67 3.74 36.51
N ASP B 426 7.78 2.75 36.53
CA ASP B 426 8.15 1.34 36.81
C ASP B 426 8.88 0.75 35.60
N GLY B 427 8.59 1.24 34.39
CA GLY B 427 9.26 0.73 33.17
C GLY B 427 10.68 1.24 33.00
N TRP B 428 11.17 2.07 33.93
CA TRP B 428 12.55 2.64 33.87
C TRP B 428 13.43 1.88 34.88
N GLY B 429 12.91 1.65 36.08
CA GLY B 429 13.49 0.66 37.02
C GLY B 429 14.73 1.17 37.76
N GLU B 430 15.12 2.44 37.62
CA GLU B 430 16.23 3.05 38.42
C GLU B 430 15.72 3.18 39.86
N SER B 431 16.62 3.11 40.84
CA SER B 431 16.33 3.37 42.27
C SER B 431 16.11 4.87 42.57
N SER B 432 15.14 5.17 43.47
CA SER B 432 14.78 6.52 43.97
C SER B 432 14.79 6.57 45.51
C1 GAL C . 28.47 41.84 25.25
C2 GAL C . 28.30 40.53 24.45
C3 GAL C . 26.97 40.44 23.70
C4 GAL C . 25.83 40.82 24.64
C5 GAL C . 26.07 42.06 25.51
C6 GAL C . 24.97 42.15 26.58
O1 GAL C . 29.70 41.81 26.01
O2 GAL C . 29.35 40.38 23.48
O3 GAL C . 26.53 39.40 22.90
O4 GAL C . 25.56 39.67 25.29
O5 GAL C . 27.36 42.02 26.14
O6 GAL C . 25.10 43.29 27.43
C1 NGA C . 24.37 38.93 25.47
C2 NGA C . 24.64 37.53 26.05
C3 NGA C . 23.32 36.79 26.24
C4 NGA C . 22.37 37.69 27.04
C5 NGA C . 22.23 39.06 26.40
C6 NGA C . 21.31 39.93 27.23
C7 NGA C . 26.84 36.52 25.50
C8 NGA C . 27.64 35.74 24.48
N2 NGA C . 25.55 36.76 25.19
O3 NGA C . 23.53 35.63 26.90
O4 NGA C . 22.96 37.89 28.33
O5 NGA C . 23.52 39.67 26.35
O6 NGA C . 20.84 40.98 26.37
O7 NGA C . 27.37 36.90 26.53
C1 GAL C . 22.51 34.61 26.90
C2 GAL C . 23.16 33.25 26.90
C3 GAL C . 22.12 32.11 26.99
C4 GAL C . 21.14 32.40 28.13
C5 GAL C . 20.59 33.80 28.03
C6 GAL C . 19.66 34.22 29.13
O2 GAL C . 23.91 33.19 25.71
O3 GAL C . 22.77 30.84 27.22
O4 GAL C . 21.83 32.28 29.37
O5 GAL C . 21.67 34.72 28.07
O6 GAL C . 19.38 35.59 28.85
C1 SIA C . 20.84 29.40 26.46
C2 SIA C . 22.32 29.71 26.40
C3 SIA C . 23.02 28.45 26.92
C4 SIA C . 24.53 28.53 26.80
C5 SIA C . 24.86 29.52 25.69
C6 SIA C . 23.83 29.31 24.57
C7 SIA C . 24.21 29.87 23.20
C8 SIA C . 23.15 29.70 22.07
C9 SIA C . 22.41 28.39 22.08
C10 SIA C . 27.12 30.48 25.55
C11 SIA C . 26.58 31.83 25.96
N5 SIA C . 26.25 29.52 25.26
O1A SIA C . 20.30 29.31 27.54
O1B SIA C . 20.22 29.15 25.44
O4 SIA C . 25.08 28.91 28.06
O6 SIA C . 22.65 29.99 25.02
O7 SIA C . 24.48 31.25 23.34
O8 SIA C . 22.24 30.80 22.15
O9 SIA C . 21.10 28.48 22.65
O10 SIA C . 28.33 30.28 25.53
C1 SIA C . 25.53 37.54 21.68
C2 SIA C . 26.01 38.99 21.67
C3 SIA C . 27.06 39.26 20.61
C4 SIA C . 26.56 39.98 19.38
C5 SIA C . 25.59 41.07 19.85
C6 SIA C . 24.36 40.30 20.34
C7 SIA C . 23.04 41.01 20.59
C8 SIA C . 22.54 40.79 22.03
C9 SIA C . 21.18 41.41 22.30
C10 SIA C . 26.07 43.35 19.01
C11 SIA C . 27.31 43.39 19.85
N5 SIA C . 25.40 42.17 18.91
O1A SIA C . 24.39 37.30 21.99
O1B SIA C . 26.30 36.66 21.35
O4 SIA C . 27.64 40.51 18.63
O6 SIA C . 24.78 39.76 21.61
O7 SIA C . 23.14 42.41 20.30
O8 SIA C . 22.46 39.39 22.28
O9 SIA C . 20.24 40.44 22.76
O10 SIA C . 25.67 44.36 18.43
O1 P6G D . 3.69 1.48 -31.84
C2 P6G D . 4.85 2.30 -31.91
C3 P6G D . 4.57 3.73 -31.51
O4 P6G D . 3.49 4.27 -32.27
C5 P6G D . 3.79 4.39 -33.66
C6 P6G D . 3.18 5.64 -34.23
O7 P6G D . 2.39 5.32 -35.37
C8 P6G D . 3.15 4.98 -36.53
C9 P6G D . 2.59 3.71 -37.13
O10 P6G D . 1.27 3.48 -36.65
C11 P6G D . 0.72 2.26 -37.14
C12 P6G D . -0.77 2.37 -37.24
O13 P6G D . -1.40 1.97 -36.02
C14 P6G D . -1.66 0.57 -35.93
C15 P6G D . -1.78 0.15 -34.47
O16 P6G D . -1.13 -1.10 -34.22
C17 P6G D . 0.29 -1.03 -34.11
C18 P6G D . 0.75 -1.32 -32.69
O19 P6G D . 1.87 -0.52 -32.29
C1 EDO E . -3.22 -43.07 -39.79
O1 EDO E . -3.39 -44.47 -39.75
C2 EDO E . -4.49 -42.28 -39.59
O2 EDO E . -4.54 -41.45 -38.42
O1 P6G F . 2.74 -0.25 34.75
C2 P6G F . 2.80 1.17 34.57
C3 P6G F . 1.49 1.73 34.06
O4 P6G F . 0.43 0.80 34.28
C5 P6G F . -0.87 1.39 34.21
C6 P6G F . -1.88 0.44 33.60
O7 P6G F . -2.30 -0.53 34.56
C8 P6G F . -3.66 -0.38 34.96
C9 P6G F . -4.09 -1.50 35.89
O10 P6G F . -2.96 -2.05 36.56
C11 P6G F . -2.87 -3.47 36.51
C12 P6G F . -1.47 -3.87 36.82
O13 P6G F . -1.43 -5.24 37.18
C14 P6G F . -1.24 -6.12 36.07
C15 P6G F . 0.21 -6.50 35.95
O16 P6G F . 0.94 -5.43 35.37
C17 P6G F . 2.30 -5.76 35.09
C18 P6G F . 3.21 -4.67 35.57
O19 P6G F . 2.97 -3.43 34.94
#